data_6TA7
#
_entry.id   6TA7
#
_cell.length_a   81.558
_cell.length_b   100.038
_cell.length_c   113.345
_cell.angle_alpha   90.000
_cell.angle_beta   90.000
_cell.angle_gamma   90.000
#
_symmetry.space_group_name_H-M   'P 21 21 21'
#
loop_
_entity.id
_entity.type
_entity.pdbx_description
1 polymer 'Ras GTPase-activating protein-binding protein 1'
2 polymer Caprin-1
3 non-polymer 'SODIUM ION'
4 non-polymer 'CHLORIDE ION'
5 water water
#
loop_
_entity_poly.entity_id
_entity_poly.type
_entity_poly.pdbx_seq_one_letter_code
_entity_poly.pdbx_strand_id
1 'polypeptide(L)'
;SMVMEKPSPLLVGREFVRQYYTLLNQAPDMLHRFYGKNSSYVHGGLDSNGKPADAVYGQKEIHRKVMSQNFTNCHTKIRH
VDAHATLNDGVVVQVMGLLSNNNQALRRFMQTFVLAPEGSVANKFYVHNDIFRYQDEVFG
;
A,B,D,F,C,E
2 'polypeptide(L)' RQRVQDLMAQMQGPYNFIQDSMLDFENQTLD G,H
#
loop_
_chem_comp.id
_chem_comp.type
_chem_comp.name
_chem_comp.formula
CL non-polymer 'CHLORIDE ION' 'Cl -1'
NA non-polymer 'SODIUM ION' 'Na 1'
#
# COMPACT_ATOMS: atom_id res chain seq x y z
N SER A 1 -34.10 4.58 18.03
CA SER A 1 -33.87 3.82 16.80
C SER A 1 -33.28 2.44 17.10
N MET A 2 -32.19 2.41 17.87
CA MET A 2 -31.54 1.15 18.18
C MET A 2 -30.71 1.30 19.44
N VAL A 3 -30.61 0.20 20.19
CA VAL A 3 -29.80 0.17 21.41
C VAL A 3 -29.20 -1.22 21.56
N MET A 4 -27.87 -1.29 21.56
CA MET A 4 -27.14 -2.53 21.67
C MET A 4 -25.92 -2.30 22.53
N GLU A 5 -25.59 -3.26 23.37
CA GLU A 5 -24.44 -3.13 24.24
C GLU A 5 -23.17 -3.01 23.40
N LYS A 6 -22.22 -2.23 23.90
CA LYS A 6 -20.94 -2.08 23.25
C LYS A 6 -20.20 -3.41 23.22
N PRO A 7 -19.34 -3.63 22.23
CA PRO A 7 -18.56 -4.88 22.21
C PRO A 7 -17.62 -4.98 23.40
N SER A 8 -17.45 -6.21 23.87
CA SER A 8 -16.57 -6.50 25.00
C SER A 8 -15.13 -6.10 24.67
N PRO A 9 -14.35 -5.65 25.67
CA PRO A 9 -12.94 -5.35 25.40
C PRO A 9 -12.20 -6.51 24.74
N LEU A 10 -12.56 -7.74 25.07
CA LEU A 10 -11.86 -8.86 24.46
C LEU A 10 -12.14 -8.96 22.96
N LEU A 11 -13.38 -8.70 22.55
CA LEU A 11 -13.70 -8.72 21.12
C LEU A 11 -12.94 -7.63 20.37
N VAL A 12 -12.89 -6.42 20.96
CA VAL A 12 -12.18 -5.31 20.32
C VAL A 12 -10.68 -5.62 20.23
N GLY A 13 -10.10 -6.09 21.35
CA GLY A 13 -8.67 -6.35 21.38
C GLY A 13 -8.26 -7.46 20.45
N ARG A 14 -9.03 -8.55 20.41
CA ARG A 14 -8.70 -9.65 19.52
C ARG A 14 -8.79 -9.22 18.06
N GLU A 15 -9.79 -8.42 17.70
CA GLU A 15 -9.86 -7.96 16.31
C GLU A 15 -8.69 -7.02 15.99
N PHE A 16 -8.29 -6.18 16.94
CA PHE A 16 -7.15 -5.32 16.67
C PHE A 16 -5.90 -6.13 16.46
N VAL A 17 -5.67 -7.12 17.32
CA VAL A 17 -4.49 -7.97 17.18
C VAL A 17 -4.50 -8.65 15.81
N ARG A 18 -5.67 -9.15 15.37
CA ARG A 18 -5.74 -9.77 14.05
C ARG A 18 -5.33 -8.78 12.96
N GLN A 19 -5.87 -7.56 13.02
CA GLN A 19 -5.57 -6.58 11.97
C GLN A 19 -4.10 -6.19 12.00
N TYR A 20 -3.55 -6.03 13.21
CA TYR A 20 -2.16 -5.60 13.37
C TYR A 20 -1.22 -6.59 12.70
N TYR A 21 -1.36 -7.86 13.03
CA TYR A 21 -0.44 -8.87 12.51
C TYR A 21 -0.77 -9.28 11.08
N THR A 22 -2.01 -9.05 10.62
CA THR A 22 -2.28 -9.17 9.20
C THR A 22 -1.56 -8.07 8.42
N LEU A 23 -1.61 -6.84 8.90
CA LEU A 23 -0.91 -5.74 8.25
C LEU A 23 0.60 -5.94 8.32
N LEU A 24 1.10 -6.48 9.43
CA LEU A 24 2.53 -6.75 9.54
C LEU A 24 3.00 -7.74 8.49
N ASN A 25 2.15 -8.70 8.12
CA ASN A 25 2.54 -9.63 7.07
C ASN A 25 2.32 -9.03 5.69
N GLN A 26 1.19 -8.38 5.47
CA GLN A 26 0.79 -7.95 4.13
C GLN A 26 1.39 -6.60 3.74
N ALA A 27 1.39 -5.62 4.66
CA ALA A 27 1.82 -4.27 4.30
C ALA A 27 2.31 -3.55 5.54
N PRO A 28 3.46 -3.94 6.09
CA PRO A 28 4.00 -3.23 7.26
C PRO A 28 4.19 -1.75 7.02
N ASP A 29 4.33 -1.31 5.76
CA ASP A 29 4.46 0.11 5.44
C ASP A 29 3.24 0.92 5.91
N MET A 30 2.11 0.27 6.16
CA MET A 30 0.92 0.98 6.63
C MET A 30 0.66 0.78 8.12
N LEU A 31 1.55 0.11 8.84
CA LEU A 31 1.34 -0.08 10.27
C LEU A 31 1.30 1.27 11.01
N HIS A 32 2.13 2.21 10.57
CA HIS A 32 2.24 3.51 11.22
C HIS A 32 0.89 4.22 11.32
N ARG A 33 -0.06 3.91 10.44
CA ARG A 33 -1.34 4.60 10.46
C ARG A 33 -2.17 4.27 11.70
N PHE A 34 -1.73 3.34 12.55
CA PHE A 34 -2.39 3.09 13.83
C PHE A 34 -2.00 4.12 14.88
N TYR A 35 -0.91 4.85 14.67
CA TYR A 35 -0.29 5.62 15.74
C TYR A 35 -0.42 7.11 15.48
N GLY A 36 -0.33 7.90 16.55
CA GLY A 36 -0.39 9.34 16.45
C GLY A 36 0.70 10.04 17.25
N LYS A 37 0.58 11.35 17.39
CA LYS A 37 1.53 12.09 18.20
C LYS A 37 1.47 11.56 19.63
N ASN A 38 2.63 11.35 20.22
CA ASN A 38 2.77 10.82 21.57
C ASN A 38 2.42 9.34 21.68
N SER A 39 2.37 8.60 20.56
CA SER A 39 2.29 7.15 20.63
C SER A 39 3.70 6.62 20.87
N SER A 40 3.80 5.51 21.60
CA SER A 40 5.08 4.88 21.86
C SER A 40 5.13 3.51 21.20
N TYR A 41 6.34 3.12 20.79
CA TYR A 41 6.52 1.91 20.01
C TYR A 41 7.90 1.34 20.31
N VAL A 42 7.97 0.05 20.63
CA VAL A 42 9.24 -0.66 20.62
C VAL A 42 8.97 -2.09 20.13
N HIS A 43 9.93 -2.64 19.40
CA HIS A 43 9.80 -3.99 18.87
C HIS A 43 11.11 -4.73 19.13
N GLY A 44 11.32 -5.13 20.39
CA GLY A 44 12.47 -5.91 20.75
C GLY A 44 13.77 -5.24 20.31
N GLY A 45 14.77 -6.07 20.07
CA GLY A 45 16.08 -5.58 19.65
C GLY A 45 16.99 -5.26 20.82
N LEU A 46 18.29 -5.23 20.51
CA LEU A 46 19.33 -4.91 21.47
C LEU A 46 20.25 -3.85 20.88
N ASP A 47 20.89 -3.09 21.76
CA ASP A 47 21.88 -2.12 21.32
C ASP A 47 23.26 -2.78 21.32
N SER A 48 24.31 -2.00 21.06
CA SER A 48 25.67 -2.52 21.13
C SER A 48 26.06 -2.85 22.57
N ASN A 49 25.41 -2.23 23.54
CA ASN A 49 25.75 -2.45 24.95
C ASN A 49 25.76 -3.94 25.34
N LYS A 51 21.85 -4.67 25.54
CA LYS A 51 20.79 -4.03 26.31
C LYS A 51 19.55 -3.79 25.46
N PRO A 52 18.36 -4.04 26.01
CA PRO A 52 17.13 -3.86 25.23
C PRO A 52 17.05 -2.48 24.58
N ALA A 53 16.67 -2.46 23.31
CA ALA A 53 16.59 -1.21 22.56
C ALA A 53 15.49 -0.31 23.11
N ASP A 54 15.65 0.99 22.87
CA ASP A 54 14.74 1.99 23.40
C ASP A 54 13.54 2.18 22.48
N ALA A 55 12.43 2.65 23.08
CA ALA A 55 11.23 2.96 22.31
C ALA A 55 11.38 4.29 21.56
N VAL A 56 10.54 4.45 20.52
CA VAL A 56 10.44 5.72 19.80
C VAL A 56 8.99 6.21 19.88
N TYR A 57 8.80 7.48 19.53
CA TYR A 57 7.53 8.15 19.75
C TYR A 57 7.13 8.91 18.50
N GLY A 58 5.81 8.98 18.27
CA GLY A 58 5.30 9.71 17.13
C GLY A 58 5.23 8.87 15.87
N GLN A 59 4.22 9.15 15.06
CA GLN A 59 3.94 8.32 13.89
C GLN A 59 5.14 8.24 12.95
N LYS A 60 5.88 9.33 12.79
CA LYS A 60 6.89 9.33 11.75
C LYS A 60 8.13 8.56 12.18
N GLU A 61 8.56 8.72 13.43
CA GLU A 61 9.65 7.89 13.93
C GLU A 61 9.22 6.44 14.04
N ILE A 62 7.96 6.21 14.43
CA ILE A 62 7.45 4.85 14.52
C ILE A 62 7.50 4.18 13.16
N HIS A 63 7.03 4.88 12.12
CA HIS A 63 7.11 4.34 10.78
C HIS A 63 8.53 3.94 10.43
N ARG A 64 9.48 4.84 10.67
CA ARG A 64 10.87 4.56 10.31
C ARG A 64 11.40 3.37 11.09
N LYS A 65 11.01 3.22 12.35
CA LYS A 65 11.45 2.06 13.12
C LYS A 65 10.81 0.79 12.62
N VAL A 66 9.52 0.85 12.28
CA VAL A 66 8.85 -0.32 11.69
C VAL A 66 9.60 -0.76 10.44
N MET A 67 9.86 0.19 9.53
CA MET A 67 10.58 -0.15 8.30
C MET A 67 11.99 -0.64 8.59
N SER A 68 12.58 -0.19 9.71
CA SER A 68 13.91 -0.65 10.10
C SER A 68 13.93 -2.13 10.42
N GLN A 69 12.81 -2.69 10.90
CA GLN A 69 12.75 -4.09 11.26
C GLN A 69 12.75 -5.00 10.03
N ASN A 70 12.56 -4.46 8.84
CA ASN A 70 12.49 -5.25 7.62
C ASN A 70 11.52 -6.44 7.78
N PHE A 71 10.26 -6.11 8.03
CA PHE A 71 9.23 -7.15 8.11
C PHE A 71 9.02 -7.72 6.71
N THR A 72 9.36 -9.00 6.54
CA THR A 72 9.23 -9.67 5.27
C THR A 72 8.64 -11.06 5.51
N ASN A 73 7.50 -11.33 4.89
CA ASN A 73 6.85 -12.63 5.02
C ASN A 73 6.66 -13.00 6.49
N CYS A 74 6.39 -11.97 7.32
CA CYS A 74 6.29 -12.13 8.76
C CYS A 74 5.07 -12.98 9.10
N HIS A 75 5.30 -14.13 9.73
CA HIS A 75 4.23 -15.03 10.13
C HIS A 75 4.19 -15.10 11.65
N THR A 76 2.99 -15.01 12.20
CA THR A 76 2.77 -14.95 13.64
C THR A 76 1.69 -15.94 14.04
N LYS A 77 1.92 -16.65 15.14
CA LYS A 77 0.89 -17.49 15.75
C LYS A 77 0.60 -16.93 17.14
N ILE A 78 -0.61 -16.44 17.34
CA ILE A 78 -0.98 -15.82 18.60
C ILE A 78 -1.40 -16.92 19.56
N ARG A 79 -0.71 -17.03 20.69
CA ARG A 79 -1.02 -18.07 21.66
C ARG A 79 -1.82 -17.56 22.85
N HIS A 80 -1.86 -16.26 23.08
CA HIS A 80 -2.58 -15.72 24.22
C HIS A 80 -2.94 -14.28 23.91
N VAL A 81 -4.20 -13.92 24.13
CA VAL A 81 -4.63 -12.53 24.05
C VAL A 81 -5.58 -12.30 25.21
N ASP A 82 -5.33 -11.24 25.99
N ASP A 82 -5.27 -11.29 26.03
CA ASP A 82 -6.27 -10.85 27.03
CA ASP A 82 -6.12 -10.76 27.09
C ASP A 82 -6.40 -9.33 27.02
C ASP A 82 -6.39 -9.30 26.75
N ALA A 83 -7.64 -8.86 26.91
CA ALA A 83 -7.94 -7.45 26.80
C ALA A 83 -8.94 -7.00 27.85
N HIS A 84 -8.77 -5.76 28.32
CA HIS A 84 -9.56 -5.25 29.43
C HIS A 84 -9.79 -3.76 29.26
N ALA A 85 -10.95 -3.32 29.76
CA ALA A 85 -11.24 -1.89 29.79
C ALA A 85 -10.22 -1.19 30.67
N THR A 86 -9.82 0.01 30.28
CA THR A 86 -8.85 0.76 31.07
C THR A 86 -9.26 2.23 31.10
N LEU A 87 -8.30 3.10 31.43
CA LEU A 87 -8.57 4.52 31.57
C LEU A 87 -9.35 5.05 30.38
N ASN A 88 -10.32 5.92 30.65
CA ASN A 88 -11.07 6.64 29.63
C ASN A 88 -11.68 5.67 28.61
N ASP A 89 -12.08 4.51 29.09
CA ASP A 89 -12.70 3.49 28.26
C ASP A 89 -11.80 3.04 27.12
N GLY A 90 -10.49 3.19 27.28
CA GLY A 90 -9.54 2.58 26.39
C GLY A 90 -9.52 1.09 26.62
N VAL A 91 -8.64 0.41 25.88
CA VAL A 91 -8.46 -1.02 26.01
C VAL A 91 -6.98 -1.34 26.13
N VAL A 92 -6.62 -2.08 27.16
CA VAL A 92 -5.27 -2.59 27.31
C VAL A 92 -5.28 -4.05 26.89
N VAL A 93 -4.33 -4.43 26.04
CA VAL A 93 -4.26 -5.76 25.46
C VAL A 93 -2.91 -6.37 25.78
N GLN A 94 -2.92 -7.60 26.30
CA GLN A 94 -1.72 -8.38 26.53
C GLN A 94 -1.67 -9.53 25.53
N VAL A 95 -0.53 -9.68 24.86
CA VAL A 95 -0.36 -10.67 23.80
C VAL A 95 0.92 -11.47 24.03
N MET A 96 0.81 -12.79 23.87
CA MET A 96 1.97 -13.65 23.82
C MET A 96 1.82 -14.57 22.61
N GLY A 97 2.91 -14.76 21.88
CA GLY A 97 2.88 -15.64 20.73
C GLY A 97 4.26 -15.87 20.17
N LEU A 98 4.29 -16.36 18.93
CA LEU A 98 5.51 -16.61 18.21
C LEU A 98 5.51 -15.82 16.91
N LEU A 99 6.67 -15.25 16.56
CA LEU A 99 6.80 -14.46 15.34
C LEU A 99 8.02 -14.94 14.56
N SER A 100 7.80 -15.28 13.30
CA SER A 100 8.87 -15.63 12.38
C SER A 100 8.96 -14.56 11.31
N ASN A 101 10.09 -13.87 11.26
CA ASN A 101 10.36 -12.86 10.23
C ASN A 101 11.42 -13.33 9.25
N ASN A 102 11.21 -12.99 7.95
CA ASN A 102 12.17 -13.36 6.92
C ASN A 102 12.47 -14.85 6.94
N ASN A 103 11.41 -15.64 7.09
CA ASN A 103 11.44 -17.07 7.03
C ASN A 103 12.42 -17.64 8.04
N GLN A 104 12.75 -16.89 9.08
CA GLN A 104 13.61 -17.39 10.15
C GLN A 104 12.76 -18.15 11.16
N ALA A 105 13.42 -18.74 12.15
CA ALA A 105 12.72 -19.54 13.16
C ALA A 105 11.78 -18.67 13.98
N LEU A 106 10.71 -19.29 14.48
CA LEU A 106 9.76 -18.59 15.33
C LEU A 106 10.39 -18.22 16.66
N ARG A 107 10.12 -16.99 17.10
CA ARG A 107 10.62 -16.47 18.36
C ARG A 107 9.47 -16.09 19.26
N ARG A 108 9.51 -16.52 20.51
CA ARG A 108 8.48 -16.14 21.47
C ARG A 108 8.56 -14.66 21.82
N PHE A 109 7.40 -14.06 22.07
CA PHE A 109 7.37 -12.64 22.42
C PHE A 109 6.26 -12.35 23.42
N MET A 110 6.44 -11.22 24.11
CA MET A 110 5.50 -10.67 25.07
C MET A 110 5.23 -9.23 24.67
N GLN A 111 3.94 -8.87 24.55
CA GLN A 111 3.56 -7.58 24.01
C GLN A 111 2.38 -7.02 24.77
N THR A 112 2.37 -5.70 24.90
CA THR A 112 1.27 -4.94 25.49
C THR A 112 0.89 -3.81 24.55
N PHE A 113 -0.41 -3.65 24.30
CA PHE A 113 -0.96 -2.51 23.58
C PHE A 113 -1.85 -1.69 24.50
N VAL A 114 -1.92 -0.38 24.26
CA VAL A 114 -2.99 0.45 24.79
C VAL A 114 -3.69 1.10 23.61
N LEU A 115 -4.99 0.82 23.47
CA LEU A 115 -5.85 1.37 22.43
C LEU A 115 -6.76 2.46 22.98
N ALA A 116 -6.91 3.53 22.19
CA ALA A 116 -7.84 4.60 22.51
C ALA A 116 -9.28 4.07 22.58
N PRO A 117 -10.16 4.79 23.27
CA PRO A 117 -11.58 4.40 23.31
C PRO A 117 -12.28 4.47 21.95
N PHE A 125 -8.83 2.13 14.63
CA PHE A 125 -8.07 1.88 15.86
C PHE A 125 -6.96 2.92 16.05
N TYR A 126 -6.77 3.38 17.28
CA TYR A 126 -5.66 4.26 17.62
C TYR A 126 -4.83 3.60 18.72
N VAL A 127 -3.55 3.40 18.45
CA VAL A 127 -2.63 2.74 19.37
C VAL A 127 -1.92 3.83 20.16
N HIS A 128 -2.17 3.89 21.47
CA HIS A 128 -1.44 4.81 22.32
C HIS A 128 -0.04 4.27 22.62
N ASN A 129 0.08 2.96 22.81
CA ASN A 129 1.34 2.34 23.18
C ASN A 129 1.41 0.96 22.56
N ASP A 130 2.61 0.58 22.09
CA ASP A 130 2.90 -0.72 21.50
C ASP A 130 4.23 -1.16 22.11
N ILE A 131 4.18 -2.08 23.06
CA ILE A 131 5.37 -2.56 23.76
C ILE A 131 5.56 -4.03 23.39
N PHE A 132 6.61 -4.32 22.63
CA PHE A 132 6.86 -5.67 22.14
C PHE A 132 8.29 -6.02 22.50
N ARG A 133 8.48 -7.19 23.11
CA ARG A 133 9.82 -7.69 23.39
C ARG A 133 9.91 -9.16 23.05
N TYR A 134 10.98 -9.55 22.37
CA TYR A 134 11.30 -10.96 22.21
C TYR A 134 11.81 -11.50 23.54
N GLN A 135 11.38 -12.72 23.88
CA GLN A 135 11.82 -13.33 25.12
C GLN A 135 13.31 -13.67 25.07
N ASP A 136 13.80 -14.13 23.92
CA ASP A 136 15.20 -14.57 23.86
C ASP A 136 16.16 -13.43 24.12
N GLU A 137 15.79 -12.21 23.77
CA GLU A 137 16.67 -11.06 24.00
C GLU A 137 16.63 -10.57 25.44
N VAL A 138 15.64 -10.97 26.23
CA VAL A 138 15.46 -10.51 27.58
C VAL A 138 15.84 -11.58 28.59
N PHE A 139 15.41 -12.82 28.37
CA PHE A 139 15.78 -13.90 29.27
C PHE A 139 17.06 -14.59 28.79
N GLU B 5 -6.82 -15.08 11.29
CA GLU B 5 -7.17 -15.20 9.87
C GLU B 5 -8.33 -14.29 9.53
N LYS B 6 -9.58 -14.76 9.82
CA LYS B 6 -10.81 -14.02 9.55
C LYS B 6 -11.32 -13.33 10.81
N PRO B 7 -12.06 -12.22 10.66
CA PRO B 7 -12.67 -11.59 11.85
C PRO B 7 -13.62 -12.55 12.54
N SER B 8 -13.74 -12.40 13.85
CA SER B 8 -14.57 -13.31 14.63
C SER B 8 -16.01 -13.29 14.12
N PRO B 9 -16.67 -14.44 14.04
CA PRO B 9 -18.09 -14.43 13.67
C PRO B 9 -18.92 -13.51 14.53
N LEU B 10 -18.58 -13.40 15.82
CA LEU B 10 -19.35 -12.54 16.70
C LEU B 10 -19.24 -11.08 16.27
N LEU B 11 -18.05 -10.65 15.86
CA LEU B 11 -17.90 -9.28 15.38
C LEU B 11 -18.69 -9.07 14.09
N VAL B 12 -18.61 -10.01 13.16
CA VAL B 12 -19.37 -9.89 11.92
C VAL B 12 -20.86 -9.87 12.23
N GLY B 13 -21.31 -10.77 13.11
CA GLY B 13 -22.72 -10.81 13.44
C GLY B 13 -23.20 -9.55 14.13
N ARG B 14 -22.43 -9.05 15.10
CA ARG B 14 -22.86 -7.85 15.82
C ARG B 14 -22.91 -6.65 14.89
N GLU B 15 -21.94 -6.52 13.98
CA GLU B 15 -21.95 -5.41 13.05
C GLU B 15 -23.12 -5.50 12.08
N PHE B 16 -23.44 -6.69 11.58
CA PHE B 16 -24.58 -6.81 10.69
C PHE B 16 -25.89 -6.47 11.41
N VAL B 17 -26.06 -6.99 12.62
CA VAL B 17 -27.28 -6.70 13.37
C VAL B 17 -27.44 -5.20 13.57
N ARG B 18 -26.33 -4.50 13.84
CA ARG B 18 -26.42 -3.05 14.00
C ARG B 18 -26.91 -2.40 12.71
N GLN B 19 -26.31 -2.76 11.58
CA GLN B 19 -26.70 -2.15 10.31
C GLN B 19 -28.15 -2.50 9.97
N TYR B 20 -28.55 -3.75 10.17
CA TYR B 20 -29.89 -4.20 9.81
C TYR B 20 -30.96 -3.38 10.51
N TYR B 21 -30.87 -3.26 11.84
CA TYR B 21 -31.89 -2.57 12.60
C TYR B 21 -31.77 -1.06 12.57
N THR B 22 -30.59 -0.52 12.26
CA THR B 22 -30.53 0.90 11.97
C THR B 22 -31.23 1.20 10.65
N LEU B 23 -30.99 0.39 9.62
CA LEU B 23 -31.66 0.58 8.34
C LEU B 23 -33.16 0.37 8.45
N LEU B 24 -33.59 -0.58 9.30
CA LEU B 24 -35.02 -0.81 9.46
C LEU B 24 -35.72 0.44 9.97
N ASN B 25 -35.03 1.23 10.79
CA ASN B 25 -35.59 2.49 11.26
C ASN B 25 -35.42 3.59 10.21
N GLN B 26 -34.26 3.66 9.56
CA GLN B 26 -33.93 4.80 8.71
C GLN B 26 -34.54 4.68 7.32
N ALA B 27 -34.47 3.50 6.72
CA ALA B 27 -34.90 3.30 5.34
C ALA B 27 -35.29 1.85 5.12
N PRO B 28 -36.40 1.40 5.71
CA PRO B 28 -36.84 0.01 5.47
C PRO B 28 -37.03 -0.29 4.01
N ASP B 29 -37.22 0.74 3.18
CA ASP B 29 -37.38 0.55 1.74
C ASP B 29 -36.16 -0.10 1.10
N MET B 30 -34.99 -0.01 1.75
CA MET B 30 -33.76 -0.55 1.18
C MET B 30 -33.32 -1.84 1.85
N LEU B 31 -34.11 -2.38 2.79
CA LEU B 31 -33.72 -3.61 3.46
C LEU B 31 -33.52 -4.74 2.45
N HIS B 32 -34.31 -4.74 1.37
CA HIS B 32 -34.23 -5.80 0.37
C HIS B 32 -32.83 -5.98 -0.18
N ARG B 33 -32.00 -4.94 -0.11
CA ARG B 33 -30.65 -5.04 -0.66
C ARG B 33 -29.84 -6.14 -0.01
N PHE B 34 -30.21 -6.57 1.20
CA PHE B 34 -29.44 -7.60 1.88
C PHE B 34 -29.68 -8.97 1.28
N TYR B 35 -30.73 -9.14 0.48
CA TYR B 35 -31.21 -10.46 0.12
C TYR B 35 -30.98 -10.75 -1.36
N GLY B 36 -31.01 -12.02 -1.70
CA GLY B 36 -30.81 -12.45 -3.07
C GLY B 36 -31.91 -13.37 -3.55
N LYS B 37 -31.69 -14.00 -4.71
CA LYS B 37 -32.71 -14.86 -5.28
C LYS B 37 -33.06 -16.02 -4.36
N ASN B 38 -32.08 -16.63 -3.70
CA ASN B 38 -32.40 -17.80 -2.89
C ASN B 38 -32.55 -17.44 -1.40
N SER B 39 -32.85 -16.19 -1.08
CA SER B 39 -33.07 -15.78 0.31
C SER B 39 -34.49 -16.07 0.78
N SER B 40 -34.61 -16.37 2.07
CA SER B 40 -35.88 -16.57 2.74
C SER B 40 -36.06 -15.51 3.83
N TYR B 41 -37.31 -15.14 4.09
CA TYR B 41 -37.61 -14.05 5.01
C TYR B 41 -38.96 -14.31 5.65
N VAL B 42 -39.03 -14.18 6.98
CA VAL B 42 -40.30 -14.13 7.69
C VAL B 42 -40.14 -13.16 8.86
N HIS B 43 -41.19 -12.39 9.15
CA HIS B 43 -41.17 -11.42 10.23
C HIS B 43 -42.47 -11.56 11.03
N GLY B 44 -42.56 -12.62 11.82
CA GLY B 44 -43.72 -12.87 12.64
C GLY B 44 -45.00 -12.89 11.82
N GLY B 45 -46.10 -12.53 12.46
CA GLY B 45 -47.39 -12.48 11.81
C GLY B 45 -48.17 -13.79 11.96
N LEU B 46 -49.48 -13.68 11.76
CA LEU B 46 -50.38 -14.82 11.84
C LEU B 46 -51.26 -14.87 10.61
N ASP B 47 -51.62 -16.07 10.19
CA ASP B 47 -52.53 -16.24 9.05
C ASP B 47 -53.97 -16.12 9.52
N SER B 48 -54.91 -16.57 8.69
CA SER B 48 -56.32 -16.43 9.03
C SER B 48 -56.69 -17.22 10.28
N ASN B 49 -56.10 -18.41 10.45
CA ASN B 49 -56.46 -19.29 11.56
C ASN B 49 -55.63 -19.06 12.81
N GLY B 50 -54.64 -18.18 12.77
CA GLY B 50 -53.78 -17.99 13.92
C GLY B 50 -52.56 -18.88 13.96
N LYS B 51 -52.10 -19.36 12.82
CA LYS B 51 -50.86 -20.10 12.67
C LYS B 51 -49.75 -19.13 12.29
N PRO B 52 -48.54 -19.29 12.84
CA PRO B 52 -47.45 -18.38 12.46
C PRO B 52 -47.36 -18.26 10.95
N ALA B 53 -47.22 -17.03 10.48
CA ALA B 53 -47.21 -16.76 9.05
C ALA B 53 -46.00 -17.40 8.37
N ASP B 54 -46.16 -17.70 7.10
CA ASP B 54 -45.14 -18.40 6.34
C ASP B 54 -44.12 -17.41 5.77
N ALA B 55 -42.92 -17.92 5.52
CA ALA B 55 -41.86 -17.13 4.91
C ALA B 55 -42.11 -16.97 3.41
N VAL B 56 -41.45 -15.98 2.81
CA VAL B 56 -41.44 -15.80 1.37
C VAL B 56 -39.99 -15.86 0.91
N TYR B 57 -39.81 -15.99 -0.40
CA TYR B 57 -38.50 -16.27 -0.96
C TYR B 57 -38.22 -15.34 -2.12
N GLY B 58 -36.95 -15.00 -2.27
CA GLY B 58 -36.52 -14.13 -3.35
C GLY B 58 -36.60 -12.66 -2.99
N GLN B 59 -35.65 -11.89 -3.53
CA GLN B 59 -35.55 -10.48 -3.18
C GLN B 59 -36.85 -9.74 -3.46
N LYS B 60 -37.51 -10.06 -4.57
CA LYS B 60 -38.72 -9.34 -4.95
C LYS B 60 -39.82 -9.56 -3.93
N GLU B 61 -40.11 -10.83 -3.62
CA GLU B 61 -41.17 -11.12 -2.65
C GLU B 61 -40.79 -10.62 -1.26
N ILE B 62 -39.51 -10.68 -0.91
CA ILE B 62 -39.06 -10.20 0.38
C ILE B 62 -39.34 -8.71 0.51
N HIS B 63 -39.02 -7.94 -0.52
CA HIS B 63 -39.32 -6.51 -0.47
C HIS B 63 -40.80 -6.23 -0.20
N ARG B 64 -41.70 -6.88 -1.02
CA ARG B 64 -43.14 -6.83 -0.75
C ARG B 64 -43.41 -6.93 0.72
N LYS B 65 -43.07 -8.09 1.26
CA LYS B 65 -43.42 -8.47 2.60
C LYS B 65 -42.88 -7.44 3.56
N VAL B 66 -41.66 -6.93 3.32
CA VAL B 66 -41.09 -5.91 4.22
C VAL B 66 -41.99 -4.67 4.25
N MET B 67 -42.32 -4.15 3.07
CA MET B 67 -43.19 -2.98 2.99
C MET B 67 -44.58 -3.30 3.52
N SER B 68 -44.99 -4.57 3.44
CA SER B 68 -46.28 -4.97 4.00
C SER B 68 -46.32 -4.74 5.50
N GLN B 69 -45.16 -4.81 6.17
CA GLN B 69 -45.09 -4.60 7.60
C GLN B 69 -45.24 -3.14 8.01
N ASN B 70 -45.12 -2.21 7.06
CA ASN B 70 -45.21 -0.78 7.35
C ASN B 70 -44.32 -0.41 8.53
N PHE B 71 -43.02 -0.62 8.37
CA PHE B 71 -42.07 -0.23 9.39
C PHE B 71 -41.98 1.29 9.45
N THR B 72 -42.30 1.86 10.61
CA THR B 72 -42.28 3.31 10.80
C THR B 72 -41.64 3.62 12.14
N ASN B 73 -40.53 4.37 12.12
CA ASN B 73 -39.89 4.83 13.34
C ASN B 73 -39.56 3.67 14.28
N CYS B 74 -39.09 2.57 13.70
CA CYS B 74 -38.83 1.38 14.50
C CYS B 74 -37.76 1.66 15.56
N HIS B 75 -37.95 1.07 16.74
CA HIS B 75 -36.97 1.12 17.81
C HIS B 75 -36.68 -0.29 18.26
N THR B 76 -35.40 -0.66 18.28
CA THR B 76 -34.97 -2.03 18.58
C THR B 76 -34.04 -2.03 19.78
N LYS B 77 -34.35 -2.88 20.77
CA LYS B 77 -33.47 -3.11 21.91
C LYS B 77 -32.88 -4.51 21.81
N ILE B 78 -31.60 -4.58 21.45
CA ILE B 78 -30.92 -5.85 21.32
C ILE B 78 -30.49 -6.34 22.70
N ARG B 79 -30.99 -7.51 23.10
CA ARG B 79 -30.63 -8.08 24.39
C ARG B 79 -29.68 -9.25 24.29
N HIS B 80 -29.56 -9.88 23.12
CA HIS B 80 -28.69 -11.04 22.95
C HIS B 80 -28.30 -11.13 21.50
N VAL B 81 -27.00 -11.29 21.25
CA VAL B 81 -26.47 -11.57 19.92
C VAL B 81 -25.38 -12.61 20.08
N ASP B 82 -25.50 -13.72 19.35
CA ASP B 82 -24.45 -14.72 19.24
C ASP B 82 -24.29 -15.03 17.76
N ALA B 83 -23.10 -15.45 17.36
CA ALA B 83 -22.85 -15.71 15.95
C ALA B 83 -21.64 -16.64 15.85
N HIS B 84 -21.71 -17.56 14.89
CA HIS B 84 -20.73 -18.63 14.74
C HIS B 84 -20.53 -18.94 13.27
N ALA B 85 -19.31 -19.34 12.94
CA ALA B 85 -19.03 -19.81 11.58
C ALA B 85 -19.89 -21.04 11.30
N THR B 86 -20.37 -21.15 10.07
CA THR B 86 -21.17 -22.30 9.69
C THR B 86 -20.72 -22.77 8.32
N LEU B 87 -21.59 -23.56 7.67
CA LEU B 87 -21.24 -24.21 6.41
C LEU B 87 -20.69 -23.20 5.40
N ASN B 88 -19.64 -23.61 4.70
CA ASN B 88 -19.13 -22.85 3.56
C ASN B 88 -18.78 -21.41 3.92
N ASP B 89 -18.18 -21.23 5.09
CA ASP B 89 -17.73 -19.94 5.58
C ASP B 89 -18.88 -18.93 5.70
N GLY B 90 -20.11 -19.42 5.82
CA GLY B 90 -21.20 -18.55 6.21
C GLY B 90 -21.10 -18.25 7.70
N VAL B 91 -22.03 -17.43 8.17
CA VAL B 91 -22.13 -17.07 9.59
C VAL B 91 -23.59 -17.18 9.99
N VAL B 92 -23.86 -17.93 11.06
CA VAL B 92 -25.20 -18.04 11.62
C VAL B 92 -25.27 -17.11 12.83
N VAL B 93 -26.33 -16.31 12.91
CA VAL B 93 -26.49 -15.27 13.91
C VAL B 93 -27.78 -15.51 14.67
N GLN B 94 -27.71 -15.54 15.99
CA GLN B 94 -28.89 -15.65 16.87
C GLN B 94 -29.09 -14.32 17.58
N VAL B 95 -30.31 -13.81 17.53
CA VAL B 95 -30.64 -12.50 18.09
C VAL B 95 -31.92 -12.61 18.92
N MET B 96 -31.91 -11.98 20.10
CA MET B 96 -33.11 -11.79 20.90
C MET B 96 -33.17 -10.34 21.33
N GLY B 97 -34.36 -9.76 21.29
CA GLY B 97 -34.51 -8.40 21.73
C GLY B 97 -35.96 -7.96 21.79
N LEU B 98 -36.15 -6.65 21.86
CA LEU B 98 -37.47 -6.06 21.85
C LEU B 98 -37.56 -5.09 20.69
N LEU B 99 -38.70 -5.10 20.01
CA LEU B 99 -38.94 -4.25 18.86
C LEU B 99 -40.26 -3.52 19.03
N SER B 100 -40.24 -2.20 18.89
CA SER B 100 -41.43 -1.37 18.86
C SER B 100 -41.54 -0.77 17.47
N ASN B 101 -42.66 -1.02 16.80
CA ASN B 101 -42.90 -0.43 15.49
C ASN B 101 -43.83 0.76 15.67
N ASN B 102 -43.58 1.81 14.90
CA ASN B 102 -44.31 3.08 15.08
C ASN B 102 -43.93 3.49 16.50
N ASN B 103 -44.88 3.63 17.41
CA ASN B 103 -44.58 3.89 18.82
C ASN B 103 -45.43 2.98 19.70
N GLN B 104 -45.73 1.78 19.20
CA GLN B 104 -46.50 0.81 19.97
C GLN B 104 -45.56 0.11 20.94
N ALA B 105 -46.11 -0.75 21.79
CA ALA B 105 -45.32 -1.35 22.85
C ALA B 105 -44.18 -2.21 22.28
N LEU B 106 -43.09 -2.28 23.05
CA LEU B 106 -41.98 -3.14 22.68
C LEU B 106 -42.40 -4.59 22.77
N ARG B 107 -42.04 -5.38 21.76
CA ARG B 107 -42.40 -6.78 21.70
C ARG B 107 -41.15 -7.64 21.65
N ARG B 108 -41.08 -8.65 22.50
CA ARG B 108 -39.96 -9.56 22.48
C ARG B 108 -39.96 -10.38 21.19
N PHE B 109 -38.77 -10.70 20.70
CA PHE B 109 -38.64 -11.49 19.49
C PHE B 109 -37.45 -12.42 19.57
N MET B 110 -37.50 -13.47 18.75
CA MET B 110 -36.43 -14.45 18.62
C MET B 110 -36.12 -14.56 17.14
N GLN B 111 -34.85 -14.42 16.78
CA GLN B 111 -34.49 -14.30 15.38
C GLN B 111 -33.20 -15.05 15.07
N THR B 112 -33.16 -15.62 13.86
CA THR B 112 -31.98 -16.29 13.33
C THR B 112 -31.65 -15.74 11.94
N PHE B 113 -30.38 -15.43 11.74
CA PHE B 113 -29.89 -15.07 10.42
C PHE B 113 -28.88 -16.12 9.95
N VAL B 114 -28.83 -16.35 8.64
CA VAL B 114 -27.68 -17.01 8.03
C VAL B 114 -27.09 -16.05 7.01
N LEU B 115 -25.84 -15.65 7.21
CA LEU B 115 -25.15 -14.76 6.28
C LEU B 115 -24.18 -15.59 5.45
N ALA B 116 -24.26 -15.44 4.13
CA ALA B 116 -23.34 -16.13 3.26
C ALA B 116 -22.31 -15.16 2.71
N PRO B 117 -21.10 -15.63 2.41
CA PRO B 117 -20.14 -14.78 1.69
C PRO B 117 -20.64 -14.52 0.27
N GLU B 118 -20.73 -13.25 -0.08
CA GLU B 118 -21.04 -12.95 -1.48
C GLU B 118 -21.21 -11.43 -1.81
N GLY B 119 -20.11 -10.75 -2.13
N PHE B 125 -20.90 -9.98 2.91
CA PHE B 125 -21.90 -10.95 3.32
C PHE B 125 -23.31 -10.51 2.92
N TYR B 126 -24.16 -11.48 2.61
CA TYR B 126 -25.54 -11.26 2.21
C TYR B 126 -26.43 -12.24 2.97
N VAL B 127 -27.66 -11.82 3.23
CA VAL B 127 -28.57 -12.59 4.08
C VAL B 127 -29.22 -13.70 3.27
N HIS B 128 -28.85 -14.95 3.58
CA HIS B 128 -29.47 -16.11 2.96
C HIS B 128 -30.80 -16.48 3.63
N ASN B 129 -30.90 -16.28 4.94
CA ASN B 129 -32.11 -16.60 5.68
C ASN B 129 -32.30 -15.55 6.76
N ASP B 130 -33.54 -15.11 6.93
CA ASP B 130 -33.92 -14.15 7.96
C ASP B 130 -35.20 -14.69 8.58
N ILE B 131 -35.08 -15.26 9.78
CA ILE B 131 -36.18 -15.90 10.49
C ILE B 131 -36.44 -15.07 11.73
N PHE B 132 -37.57 -14.37 11.77
CA PHE B 132 -37.93 -13.50 12.87
C PHE B 132 -39.32 -13.87 13.35
N ARG B 133 -39.47 -14.05 14.66
CA ARG B 133 -40.77 -14.31 15.27
C ARG B 133 -40.92 -13.47 16.54
N TYR B 134 -42.08 -12.84 16.69
CA TYR B 134 -42.44 -12.26 17.97
C TYR B 134 -42.83 -13.37 18.93
N GLN B 135 -42.35 -13.28 20.18
CA GLN B 135 -42.68 -14.28 21.18
C GLN B 135 -44.18 -14.28 21.50
N ASP B 136 -44.81 -13.10 21.53
CA ASP B 136 -46.20 -13.05 21.96
C ASP B 136 -47.13 -13.81 21.03
N GLU B 137 -46.79 -13.89 19.74
CA GLU B 137 -47.63 -14.60 18.77
C GLU B 137 -47.42 -16.11 18.82
N VAL B 138 -46.36 -16.59 19.45
CA VAL B 138 -46.03 -18.00 19.49
C VAL B 138 -46.28 -18.58 20.87
N PHE B 139 -45.88 -17.87 21.91
CA PHE B 139 -46.14 -18.29 23.28
C PHE B 139 -47.47 -17.73 23.76
N GLU C 5 20.65 29.40 -18.18
CA GLU C 5 19.32 29.76 -17.69
C GLU C 5 18.61 28.55 -17.12
N LYS C 6 18.67 27.40 -17.83
CA LYS C 6 18.07 26.25 -17.20
C LYS C 6 19.16 25.37 -16.61
N PRO C 7 18.85 24.56 -15.59
CA PRO C 7 19.86 23.69 -15.01
C PRO C 7 20.40 22.72 -16.05
N SER C 8 21.64 22.30 -15.89
CA SER C 8 22.21 21.37 -16.85
C SER C 8 21.48 20.04 -16.80
N PRO C 9 21.08 19.47 -17.94
CA PRO C 9 20.41 18.17 -17.89
C PRO C 9 21.25 17.07 -17.26
N LEU C 10 22.56 17.05 -17.53
CA LEU C 10 23.40 15.98 -16.99
C LEU C 10 23.52 16.09 -15.47
N LEU C 11 23.69 17.30 -14.96
CA LEU C 11 23.74 17.48 -13.51
C LEU C 11 22.43 17.06 -12.85
N VAL C 12 21.31 17.46 -13.45
CA VAL C 12 19.98 17.10 -12.93
C VAL C 12 19.81 15.59 -12.95
N GLY C 13 20.12 14.96 -14.08
CA GLY C 13 19.94 13.52 -14.20
C GLY C 13 20.81 12.75 -13.22
N ARG C 14 22.06 13.15 -13.09
CA ARG C 14 22.96 12.40 -12.21
C ARG C 14 22.55 12.54 -10.76
N GLU C 15 22.11 13.73 -10.36
CA GLU C 15 21.71 13.93 -8.98
C GLU C 15 20.41 13.18 -8.69
N PHE C 16 19.48 13.17 -9.64
CA PHE C 16 18.27 12.39 -9.46
C PHE C 16 18.61 10.92 -9.28
N VAL C 17 19.49 10.40 -10.13
CA VAL C 17 19.86 8.99 -10.03
C VAL C 17 20.48 8.71 -8.67
N ARG C 18 21.35 9.61 -8.21
CA ARG C 18 21.91 9.42 -6.86
C ARG C 18 20.80 9.30 -5.83
N GLN C 19 19.81 10.20 -5.88
CA GLN C 19 18.75 10.18 -4.88
C GLN C 19 17.86 8.96 -5.06
N TYR C 20 17.53 8.62 -6.31
CA TYR C 20 16.63 7.49 -6.53
C TYR C 20 17.20 6.20 -5.96
N TYR C 21 18.43 5.86 -6.31
CA TYR C 21 18.96 4.57 -5.86
C TYR C 21 19.41 4.59 -4.41
N THR C 22 19.68 5.76 -3.85
CA THR C 22 19.88 5.84 -2.40
C THR C 22 18.59 5.53 -1.64
N LEU C 23 17.49 6.14 -2.04
CA LEU C 23 16.22 5.87 -1.37
C LEU C 23 15.74 4.45 -1.65
N LEU C 24 16.01 3.92 -2.85
CA LEU C 24 15.66 2.55 -3.13
C LEU C 24 16.32 1.60 -2.13
N ASN C 25 17.54 1.92 -1.72
CA ASN C 25 18.27 1.06 -0.77
C ASN C 25 17.85 1.33 0.66
N GLN C 26 17.60 2.59 1.02
CA GLN C 26 17.46 2.99 2.41
C GLN C 26 16.02 3.14 2.87
N ALA C 27 15.12 3.62 2.00
CA ALA C 27 13.72 3.78 2.36
C ALA C 27 12.86 3.71 1.11
N PRO C 28 12.74 2.50 0.52
CA PRO C 28 11.88 2.35 -0.66
C PRO C 28 10.43 2.73 -0.37
N ASP C 29 10.03 2.72 0.89
CA ASP C 29 8.69 3.17 1.26
C ASP C 29 8.46 4.65 0.97
N MET C 30 9.52 5.39 0.68
CA MET C 30 9.40 6.80 0.32
C MET C 30 9.59 7.04 -1.16
N LEU C 31 9.87 6.00 -1.93
CA LEU C 31 10.14 6.20 -3.35
C LEU C 31 8.97 6.88 -4.05
N HIS C 32 7.75 6.64 -3.56
CA HIS C 32 6.55 7.13 -4.22
C HIS C 32 6.52 8.66 -4.29
N ARG C 33 7.25 9.34 -3.40
CA ARG C 33 7.25 10.79 -3.35
C ARG C 33 7.98 11.42 -4.52
N PHE C 34 8.61 10.61 -5.39
CA PHE C 34 9.23 11.13 -6.61
C PHE C 34 8.19 11.42 -7.69
N TYR C 35 6.98 10.92 -7.54
CA TYR C 35 5.99 10.86 -8.62
C TYR C 35 4.80 11.74 -8.33
N GLY C 36 4.00 11.95 -9.38
CA GLY C 36 2.78 12.71 -9.31
C GLY C 36 1.60 11.87 -9.80
N LYS C 37 0.41 12.45 -9.70
CA LYS C 37 -0.80 11.78 -10.18
C LYS C 37 -0.63 11.07 -11.51
N ASN C 38 -0.08 11.77 -12.51
CA ASN C 38 0.02 11.28 -13.88
C ASN C 38 1.23 10.38 -14.16
N SER C 39 2.10 10.15 -13.18
CA SER C 39 3.33 9.44 -13.44
C SER C 39 3.08 7.96 -13.71
N SER C 40 3.92 7.37 -14.54
CA SER C 40 3.84 5.96 -14.88
C SER C 40 5.09 5.24 -14.39
N TYR C 41 4.90 4.05 -13.82
CA TYR C 41 5.96 3.24 -13.23
C TYR C 41 5.83 1.83 -13.79
N VAL C 42 6.89 1.36 -14.44
CA VAL C 42 6.93 0.07 -15.11
C VAL C 42 8.13 -0.70 -14.60
N HIS C 43 7.90 -1.90 -14.08
CA HIS C 43 8.96 -2.69 -13.47
C HIS C 43 8.66 -4.18 -13.57
N GLY C 44 9.60 -4.92 -14.17
CA GLY C 44 9.46 -6.36 -14.32
N ALA C 53 5.07 -6.50 -18.72
CA ALA C 53 4.77 -5.82 -17.46
C ALA C 53 3.73 -4.73 -17.71
N ASP C 54 2.91 -4.45 -16.70
CA ASP C 54 1.87 -3.44 -16.81
C ASP C 54 2.22 -2.21 -15.98
N ALA C 55 1.86 -1.03 -16.50
CA ALA C 55 2.17 0.24 -15.86
C ALA C 55 1.15 0.54 -14.77
N VAL C 56 1.62 1.21 -13.71
CA VAL C 56 0.71 1.73 -12.69
C VAL C 56 0.92 3.23 -12.63
N TYR C 57 -0.10 3.94 -12.15
CA TYR C 57 -0.12 5.39 -12.25
C TYR C 57 -0.42 6.02 -10.90
N GLY C 58 0.30 7.08 -10.58
CA GLY C 58 0.05 7.85 -9.38
C GLY C 58 0.76 7.25 -8.17
N GLN C 59 0.96 8.12 -7.18
CA GLN C 59 1.70 7.73 -5.98
C GLN C 59 1.12 6.48 -5.34
N LYS C 60 -0.21 6.43 -5.16
CA LYS C 60 -0.82 5.32 -4.43
C LYS C 60 -0.53 3.99 -5.12
N GLU C 61 -0.86 3.89 -6.42
CA GLU C 61 -0.61 2.65 -7.14
C GLU C 61 0.88 2.36 -7.19
N ILE C 62 1.70 3.38 -7.46
CA ILE C 62 3.13 3.15 -7.59
C ILE C 62 3.72 2.67 -6.28
N HIS C 63 3.33 3.30 -5.17
CA HIS C 63 3.79 2.88 -3.86
C HIS C 63 3.52 1.39 -3.62
N ARG C 64 2.32 0.91 -3.95
CA ARG C 64 2.00 -0.47 -3.63
C ARG C 64 2.80 -1.43 -4.52
N LYS C 65 2.99 -1.07 -5.79
CA LYS C 65 3.86 -1.87 -6.65
C LYS C 65 5.29 -1.91 -6.12
N VAL C 66 5.81 -0.77 -5.67
CA VAL C 66 7.16 -0.73 -5.13
C VAL C 66 7.28 -1.63 -3.90
N MET C 67 6.33 -1.54 -2.97
CA MET C 67 6.41 -2.36 -1.77
C MET C 67 6.14 -3.83 -2.09
N SER C 68 5.42 -4.12 -3.18
CA SER C 68 5.22 -5.50 -3.60
C SER C 68 6.54 -6.17 -3.96
N GLN C 69 7.51 -5.39 -4.45
CA GLN C 69 8.76 -5.96 -4.96
C GLN C 69 9.76 -6.31 -3.86
N ASN C 70 9.49 -5.94 -2.62
CA ASN C 70 10.37 -6.26 -1.50
C ASN C 70 11.82 -5.83 -1.77
N PHE C 71 11.99 -4.53 -1.98
CA PHE C 71 13.31 -3.94 -2.03
C PHE C 71 13.91 -3.97 -0.63
N THR C 72 14.82 -4.90 -0.37
CA THR C 72 15.45 -5.02 0.92
C THR C 72 16.95 -4.89 0.74
N ASN C 73 17.54 -3.91 1.41
CA ASN C 73 18.95 -3.55 1.21
C ASN C 73 19.35 -3.66 -0.25
N CYS C 74 18.55 -3.05 -1.11
CA CYS C 74 18.84 -3.08 -2.55
C CYS C 74 20.18 -2.43 -2.83
N HIS C 75 21.04 -3.15 -3.57
CA HIS C 75 22.37 -2.69 -3.91
C HIS C 75 22.46 -2.42 -5.41
N THR C 76 22.91 -1.23 -5.76
CA THR C 76 23.01 -0.80 -7.16
C THR C 76 24.44 -0.37 -7.45
N LYS C 77 24.93 -0.73 -8.63
CA LYS C 77 26.18 -0.20 -9.16
C LYS C 77 25.87 0.41 -10.52
N ILE C 78 25.97 1.72 -10.61
CA ILE C 78 25.68 2.42 -11.85
C ILE C 78 26.92 2.39 -12.73
N ARG C 79 26.76 1.93 -13.96
CA ARG C 79 27.87 1.87 -14.90
C ARG C 79 27.87 3.03 -15.88
N HIS C 80 26.70 3.58 -16.22
CA HIS C 80 26.66 4.78 -17.04
C HIS C 80 25.31 5.46 -16.92
N VAL C 81 25.34 6.79 -17.00
CA VAL C 81 24.13 7.60 -16.99
C VAL C 81 24.16 8.54 -18.19
N ASP C 82 23.11 8.49 -19.00
CA ASP C 82 22.87 9.48 -20.05
C ASP C 82 21.70 10.35 -19.61
N ALA C 83 21.83 11.67 -19.78
CA ALA C 83 20.74 12.58 -19.40
C ALA C 83 20.72 13.75 -20.37
N HIS C 84 19.62 13.95 -21.05
CA HIS C 84 19.52 14.95 -22.11
C HIS C 84 18.29 15.81 -21.92
N ALA C 85 18.38 17.06 -22.35
CA ALA C 85 17.18 17.88 -22.41
C ALA C 85 16.16 17.26 -23.37
N THR C 86 14.90 17.20 -22.94
CA THR C 86 13.84 16.69 -23.80
C THR C 86 12.70 17.71 -23.80
N LEU C 87 11.54 17.33 -24.31
CA LEU C 87 10.46 18.28 -24.55
C LEU C 87 9.94 18.88 -23.25
N ASN C 88 9.48 20.13 -23.37
CA ASN C 88 8.89 20.88 -22.25
C ASN C 88 9.88 21.00 -21.09
N ASP C 89 11.14 21.28 -21.42
CA ASP C 89 12.18 21.50 -20.43
C ASP C 89 12.38 20.30 -19.51
N GLY C 90 11.95 19.12 -19.95
CA GLY C 90 12.18 17.90 -19.20
C GLY C 90 13.59 17.37 -19.43
N VAL C 91 13.88 16.29 -18.72
CA VAL C 91 15.16 15.58 -18.81
C VAL C 91 14.85 14.10 -18.98
N VAL C 92 15.37 13.50 -20.03
CA VAL C 92 15.27 12.07 -20.24
C VAL C 92 16.58 11.46 -19.79
N VAL C 93 16.49 10.37 -19.04
CA VAL C 93 17.63 9.74 -18.41
C VAL C 93 17.62 8.28 -18.78
N GLN C 94 18.76 7.77 -19.22
CA GLN C 94 18.95 6.34 -19.38
C GLN C 94 20.07 5.89 -18.45
N VAL C 95 19.75 4.95 -17.56
CA VAL C 95 20.70 4.40 -16.62
C VAL C 95 21.05 2.98 -17.09
N MET C 96 22.34 2.66 -17.08
CA MET C 96 22.81 1.29 -17.28
C MET C 96 23.58 0.89 -16.03
N GLY C 97 23.21 -0.23 -15.43
CA GLY C 97 23.87 -0.60 -14.19
C GLY C 97 23.62 -2.04 -13.81
N LEU C 98 24.11 -2.39 -12.62
CA LEU C 98 23.90 -3.69 -12.02
C LEU C 98 23.07 -3.53 -10.76
N LEU C 99 22.15 -4.47 -10.54
CA LEU C 99 21.30 -4.40 -9.34
C LEU C 99 21.20 -5.76 -8.68
N SER C 100 21.41 -5.78 -7.37
CA SER C 100 21.19 -6.95 -6.53
C SER C 100 20.16 -6.57 -5.47
N ASN C 101 19.08 -7.32 -5.41
CA ASN C 101 18.07 -7.13 -4.37
C ASN C 101 18.20 -8.23 -3.32
N ASN C 102 18.11 -7.84 -2.05
CA ASN C 102 18.13 -8.77 -0.92
C ASN C 102 19.30 -9.77 -1.00
N ASN C 103 20.49 -9.22 -1.29
CA ASN C 103 21.80 -9.90 -1.25
C ASN C 103 21.89 -11.04 -2.27
N GLN C 104 21.22 -10.89 -3.43
CA GLN C 104 21.26 -11.91 -4.47
C GLN C 104 22.16 -11.43 -5.62
N ALA C 105 22.29 -12.28 -6.63
CA ALA C 105 23.23 -12.03 -7.71
C ALA C 105 22.95 -10.70 -8.39
N LEU C 106 24.03 -9.99 -8.74
CA LEU C 106 23.92 -8.74 -9.46
C LEU C 106 23.56 -8.99 -10.92
N ARG C 107 22.51 -8.31 -11.39
CA ARG C 107 22.00 -8.50 -12.74
C ARG C 107 22.02 -7.17 -13.48
N ARG C 108 22.40 -7.22 -14.76
CA ARG C 108 22.42 -6.01 -15.57
C ARG C 108 21.01 -5.50 -15.82
N PHE C 109 20.87 -4.19 -15.90
CA PHE C 109 19.57 -3.59 -16.18
C PHE C 109 19.77 -2.27 -16.92
N MET C 110 18.68 -1.81 -17.53
CA MET C 110 18.56 -0.45 -17.98
C MET C 110 17.33 0.15 -17.31
N GLN C 111 17.39 1.45 -17.04
CA GLN C 111 16.24 2.15 -16.47
C GLN C 111 16.11 3.47 -17.19
N THR C 112 14.92 3.71 -17.73
CA THR C 112 14.61 4.96 -18.42
C THR C 112 13.72 5.82 -17.54
N PHE C 113 14.12 7.07 -17.38
CA PHE C 113 13.31 8.05 -16.67
C PHE C 113 13.04 9.24 -17.58
N VAL C 114 11.87 9.82 -17.42
CA VAL C 114 11.59 11.16 -17.91
C VAL C 114 11.26 12.02 -16.71
N LEU C 115 12.10 13.03 -16.46
CA LEU C 115 11.89 14.00 -15.39
C LEU C 115 11.23 15.24 -15.96
N ALA C 116 10.19 15.71 -15.28
CA ALA C 116 9.49 16.88 -15.76
C ALA C 116 9.55 17.99 -14.72
N PRO C 117 9.69 19.24 -15.14
CA PRO C 117 9.67 20.34 -14.17
C PRO C 117 8.34 20.40 -13.44
N GLU C 118 8.40 20.52 -12.12
CA GLU C 118 7.18 20.65 -11.31
C GLU C 118 6.83 22.12 -11.18
N GLY C 119 5.63 22.49 -11.61
CA GLY C 119 5.12 23.84 -11.48
C GLY C 119 6.13 24.96 -11.66
N ALA C 122 11.20 25.94 -10.35
CA ALA C 122 11.99 26.33 -9.19
C ALA C 122 13.03 25.27 -8.88
N ASN C 123 13.71 24.78 -9.92
CA ASN C 123 14.68 23.69 -9.78
C ASN C 123 14.03 22.44 -9.19
N LYS C 124 12.72 22.32 -9.30
CA LYS C 124 11.98 21.17 -8.81
C LYS C 124 11.48 20.31 -9.96
N PHE C 125 11.64 19.00 -9.81
CA PHE C 125 11.28 18.04 -10.83
C PHE C 125 10.50 16.91 -10.16
N TYR C 126 9.71 16.21 -10.96
CA TYR C 126 9.08 14.96 -10.56
C TYR C 126 9.32 13.95 -11.68
N VAL C 127 9.22 12.68 -11.33
CA VAL C 127 9.41 11.59 -12.28
C VAL C 127 8.09 11.34 -12.99
N HIS C 128 8.05 11.62 -14.28
CA HIS C 128 6.87 11.38 -15.08
C HIS C 128 6.82 9.97 -15.63
N ASN C 129 7.97 9.36 -15.90
CA ASN C 129 8.06 7.99 -16.41
C ASN C 129 9.24 7.28 -15.75
N ASP C 130 9.02 6.02 -15.39
CA ASP C 130 10.02 5.17 -14.76
C ASP C 130 9.86 3.77 -15.36
N ILE C 131 10.81 3.37 -16.20
CA ILE C 131 10.75 2.12 -16.95
C ILE C 131 12.03 1.34 -16.69
N PHE C 132 11.89 0.22 -15.96
CA PHE C 132 12.99 -0.66 -15.59
C PHE C 132 12.81 -2.02 -16.24
N ARG C 133 13.91 -2.61 -16.71
CA ARG C 133 13.89 -3.99 -17.21
C ARG C 133 15.30 -4.56 -17.12
N TYR C 134 15.40 -5.76 -16.54
CA TYR C 134 16.65 -6.49 -16.49
C TYR C 134 17.04 -6.97 -17.89
N GLN C 135 18.35 -7.07 -18.12
CA GLN C 135 18.86 -7.56 -19.40
C GLN C 135 18.63 -9.05 -19.57
N ASP C 136 18.86 -9.84 -18.52
CA ASP C 136 18.77 -11.29 -18.64
C ASP C 136 17.37 -11.77 -18.97
N GLU C 137 16.33 -11.00 -18.65
CA GLU C 137 14.96 -11.46 -18.85
C GLU C 137 14.53 -11.43 -20.31
N VAL C 138 15.27 -10.73 -21.18
CA VAL C 138 14.89 -10.59 -22.56
C VAL C 138 15.84 -11.31 -23.52
N PHE C 139 17.11 -11.43 -23.16
CA PHE C 139 18.04 -12.17 -24.01
C PHE C 139 18.09 -13.63 -23.60
N MET D 2 -36.66 -42.36 -12.56
CA MET D 2 -37.56 -42.12 -11.44
C MET D 2 -37.28 -40.80 -10.75
N VAL D 3 -38.26 -39.94 -10.70
CA VAL D 3 -38.09 -38.59 -10.23
C VAL D 3 -39.05 -38.32 -9.11
N MET D 4 -38.56 -37.63 -8.09
CA MET D 4 -39.36 -37.15 -6.98
C MET D 4 -38.58 -36.08 -6.23
N GLU D 5 -39.27 -34.99 -5.90
CA GLU D 5 -38.61 -33.88 -5.21
C GLU D 5 -38.11 -34.34 -3.85
N LYS D 6 -36.92 -33.87 -3.46
CA LYS D 6 -36.38 -34.20 -2.14
C LYS D 6 -37.31 -33.64 -1.06
N PRO D 7 -37.26 -34.16 0.15
CA PRO D 7 -38.19 -33.69 1.19
C PRO D 7 -38.05 -32.20 1.46
N SER D 8 -39.16 -31.59 1.89
CA SER D 8 -39.17 -30.18 2.20
C SER D 8 -38.30 -29.90 3.43
N PRO D 9 -37.67 -28.73 3.49
CA PRO D 9 -36.87 -28.41 4.69
C PRO D 9 -37.65 -28.56 5.98
N LEU D 10 -38.95 -28.24 5.97
CA LEU D 10 -39.74 -28.36 7.18
C LEU D 10 -39.92 -29.83 7.58
N LEU D 11 -40.10 -30.72 6.61
CA LEU D 11 -40.19 -32.14 6.91
C LEU D 11 -38.91 -32.64 7.58
N VAL D 12 -37.76 -32.25 7.03
CA VAL D 12 -36.47 -32.63 7.60
C VAL D 12 -36.29 -32.01 8.98
N GLY D 13 -36.55 -30.70 9.09
CA GLY D 13 -36.33 -30.01 10.35
C GLY D 13 -37.19 -30.55 11.47
N ARG D 14 -38.46 -30.83 11.20
CA ARG D 14 -39.35 -31.31 12.24
C ARG D 14 -38.92 -32.69 12.74
N GLU D 15 -38.51 -33.58 11.84
CA GLU D 15 -38.07 -34.90 12.27
C GLU D 15 -36.77 -34.80 13.09
N PHE D 16 -35.85 -33.91 12.71
CA PHE D 16 -34.67 -33.72 13.53
C PHE D 16 -35.05 -33.23 14.93
N VAL D 17 -35.94 -32.24 15.00
CA VAL D 17 -36.39 -31.71 16.29
C VAL D 17 -37.03 -32.81 17.13
N ARG D 18 -37.85 -33.66 16.50
CA ARG D 18 -38.45 -34.78 17.21
C ARG D 18 -37.37 -35.66 17.82
N GLN D 19 -36.36 -36.02 17.04
CA GLN D 19 -35.34 -36.92 17.55
C GLN D 19 -34.47 -36.23 18.60
N TYR D 20 -34.07 -34.99 18.35
CA TYR D 20 -33.15 -34.28 19.25
C TYR D 20 -33.71 -34.21 20.66
N TYR D 21 -34.94 -33.67 20.80
CA TYR D 21 -35.50 -33.47 22.13
C TYR D 21 -36.00 -34.77 22.75
N THR D 22 -36.25 -35.80 21.94
CA THR D 22 -36.50 -37.13 22.50
C THR D 22 -35.24 -37.65 23.20
N LEU D 23 -34.10 -37.59 22.51
CA LEU D 23 -32.85 -38.07 23.10
C LEU D 23 -32.41 -37.18 24.26
N LEU D 24 -32.66 -35.88 24.17
CA LEU D 24 -32.31 -34.98 25.26
C LEU D 24 -32.99 -35.39 26.57
N ASN D 25 -34.26 -35.83 26.48
CA ASN D 25 -34.97 -36.21 27.69
C ASN D 25 -34.66 -37.63 28.12
N GLN D 26 -34.49 -38.54 27.16
CA GLN D 26 -34.42 -39.96 27.45
C GLN D 26 -33.00 -40.49 27.52
N ALA D 27 -32.10 -40.00 26.68
CA ALA D 27 -30.71 -40.49 26.68
C ALA D 27 -29.80 -39.37 26.21
N PRO D 28 -29.62 -38.33 27.03
CA PRO D 28 -28.69 -37.26 26.67
C PRO D 28 -27.26 -37.74 26.49
N ASP D 29 -26.91 -38.89 27.06
CA ASP D 29 -25.60 -39.47 26.85
C ASP D 29 -25.35 -39.86 25.40
N MET D 30 -26.39 -39.87 24.57
CA MET D 30 -26.25 -40.17 23.16
C MET D 30 -26.32 -38.93 22.27
N LEU D 31 -26.58 -37.76 22.85
CA LEU D 31 -26.72 -36.56 22.03
C LEU D 31 -25.48 -36.28 21.20
N HIS D 32 -24.30 -36.69 21.68
CA HIS D 32 -23.06 -36.37 20.98
C HIS D 32 -23.02 -36.96 19.57
N ARG D 33 -23.80 -38.00 19.30
CA ARG D 33 -23.77 -38.64 17.99
C ARG D 33 -24.45 -37.81 16.91
N PHE D 34 -25.11 -36.72 17.28
CA PHE D 34 -25.65 -35.84 16.25
C PHE D 34 -24.56 -35.05 15.55
N TYR D 35 -23.36 -34.98 16.12
CA TYR D 35 -22.36 -34.00 15.73
C TYR D 35 -21.14 -34.66 15.09
N GLY D 36 -20.36 -33.81 14.43
CA GLY D 36 -19.14 -34.23 13.75
C GLY D 36 -17.92 -33.42 14.17
N LYS D 37 -16.81 -33.76 13.54
CA LYS D 37 -15.52 -33.13 13.87
C LYS D 37 -15.63 -31.58 13.96
N ASN D 38 -16.26 -30.93 12.95
CA ASN D 38 -16.35 -29.45 12.89
C ASN D 38 -17.51 -28.83 13.71
N SER D 39 -18.36 -29.65 14.32
CA SER D 39 -19.60 -29.15 14.87
C SER D 39 -19.35 -28.27 16.08
N SER D 40 -20.20 -27.25 16.25
CA SER D 40 -20.15 -26.34 17.38
C SER D 40 -21.44 -26.46 18.19
N TYR D 41 -21.29 -26.53 19.51
CA TYR D 41 -22.40 -26.69 20.44
C TYR D 41 -22.28 -25.59 21.47
N VAL D 42 -23.33 -24.78 21.61
CA VAL D 42 -23.34 -23.64 22.52
C VAL D 42 -24.53 -23.79 23.44
N HIS D 43 -24.28 -23.83 24.75
CA HIS D 43 -25.32 -24.04 25.75
C HIS D 43 -24.77 -23.53 27.08
N GLY D 44 -25.25 -22.39 27.54
CA GLY D 44 -24.77 -21.83 28.79
C GLY D 44 -25.05 -22.67 30.03
N GLY D 45 -25.65 -23.84 29.84
CA GLY D 45 -26.08 -24.67 30.96
C GLY D 45 -27.52 -24.42 31.34
N LEU D 46 -28.19 -25.50 31.78
CA LEU D 46 -29.59 -25.39 32.20
C LEU D 46 -29.75 -24.53 33.45
N ASP D 47 -28.67 -24.17 34.12
CA ASP D 47 -28.71 -23.33 35.31
C ASP D 47 -28.47 -21.86 35.01
N SER D 48 -28.43 -21.48 33.73
CA SER D 48 -28.23 -20.09 33.35
C SER D 48 -29.20 -19.71 32.23
N PRO D 52 -23.73 -15.75 28.64
CA PRO D 52 -22.92 -15.64 27.42
C PRO D 52 -22.00 -16.84 27.23
N ALA D 53 -22.54 -17.95 26.72
CA ALA D 53 -21.81 -19.21 26.67
C ALA D 53 -20.84 -19.24 25.50
N ASP D 54 -19.75 -19.98 25.69
CA ASP D 54 -18.70 -20.14 24.70
C ASP D 54 -18.81 -21.55 24.10
N ALA D 55 -18.43 -21.67 22.83
CA ALA D 55 -18.67 -22.91 22.11
C ALA D 55 -17.63 -23.97 22.42
N VAL D 56 -18.06 -25.22 22.32
CA VAL D 56 -17.18 -26.38 22.34
C VAL D 56 -17.37 -27.09 21.02
N TYR D 57 -16.35 -27.84 20.60
CA TYR D 57 -16.30 -28.39 19.26
C TYR D 57 -16.00 -29.88 19.31
N GLY D 58 -16.66 -30.64 18.44
CA GLY D 58 -16.37 -32.05 18.30
C GLY D 58 -17.16 -32.91 19.27
N GLN D 59 -17.29 -34.19 18.89
CA GLN D 59 -18.06 -35.14 19.69
C GLN D 59 -17.52 -35.21 21.11
N LYS D 60 -16.21 -35.35 21.27
CA LYS D 60 -15.64 -35.59 22.59
C LYS D 60 -15.95 -34.44 23.54
N GLU D 61 -15.76 -33.20 23.07
CA GLU D 61 -16.03 -32.04 23.92
C GLU D 61 -17.52 -31.76 24.08
N ILE D 62 -18.33 -32.15 23.09
CA ILE D 62 -19.76 -31.89 23.18
C ILE D 62 -20.41 -32.83 24.19
N HIS D 63 -20.03 -34.12 24.15
CA HIS D 63 -20.53 -35.06 25.15
C HIS D 63 -20.24 -34.55 26.56
N ARG D 64 -19.00 -34.12 26.80
CA ARG D 64 -18.61 -33.65 28.12
C ARG D 64 -19.52 -32.51 28.58
N LYS D 65 -19.84 -31.59 27.68
CA LYS D 65 -20.69 -30.45 28.04
C LYS D 65 -22.13 -30.88 28.22
N VAL D 66 -22.64 -31.73 27.32
CA VAL D 66 -24.04 -32.14 27.40
C VAL D 66 -24.32 -32.84 28.73
N MET D 67 -23.52 -33.86 29.06
CA MET D 67 -23.71 -34.55 30.32
C MET D 67 -23.30 -33.67 31.50
N SER D 68 -22.47 -32.65 31.26
CA SER D 68 -22.14 -31.72 32.32
C SER D 68 -23.37 -30.96 32.81
N GLN D 69 -24.28 -30.65 31.89
CA GLN D 69 -25.46 -29.88 32.25
C GLN D 69 -26.49 -30.74 32.95
N ASN D 70 -26.29 -32.03 32.95
CA ASN D 70 -27.11 -32.94 33.73
C ASN D 70 -28.59 -32.80 33.30
N PHE D 71 -28.87 -33.01 31.99
CA PHE D 71 -30.27 -33.02 31.50
C PHE D 71 -30.91 -34.25 32.12
N THR D 72 -31.69 -34.05 33.22
CA THR D 72 -32.30 -35.15 33.97
C THR D 72 -33.83 -34.92 33.89
N ASN D 73 -34.55 -35.88 33.28
CA ASN D 73 -36.01 -35.69 33.02
C ASN D 73 -36.33 -34.26 32.60
N CYS D 74 -35.47 -33.71 31.75
CA CYS D 74 -35.75 -32.41 31.15
C CYS D 74 -36.96 -32.55 30.24
N HIS D 75 -37.98 -31.73 30.48
CA HIS D 75 -39.21 -31.77 29.68
C HIS D 75 -39.30 -30.52 28.82
N THR D 76 -39.46 -30.74 27.52
CA THR D 76 -39.54 -29.66 26.54
C THR D 76 -40.87 -29.74 25.82
N LYS D 77 -41.44 -28.57 25.55
CA LYS D 77 -42.61 -28.45 24.68
C LYS D 77 -42.24 -27.45 23.60
N ILE D 78 -42.19 -27.93 22.35
CA ILE D 78 -41.87 -27.06 21.23
C ILE D 78 -43.12 -26.27 20.89
N ARG D 79 -43.00 -24.94 20.81
CA ARG D 79 -44.12 -24.08 20.47
C ARG D 79 -44.15 -23.68 19.01
N HIS D 80 -42.99 -23.64 18.34
CA HIS D 80 -42.96 -23.39 16.90
C HIS D 80 -41.62 -23.82 16.34
N VAL D 81 -41.64 -24.31 15.10
CA VAL D 81 -40.44 -24.70 14.38
C VAL D 81 -40.46 -23.99 13.04
N ASP D 82 -39.39 -23.27 12.75
CA ASP D 82 -39.10 -22.73 11.43
C ASP D 82 -37.93 -23.51 10.85
N ALA D 83 -38.01 -23.89 9.59
CA ALA D 83 -36.93 -24.64 8.95
C ALA D 83 -36.87 -24.25 7.49
N HIS D 84 -35.71 -23.74 7.05
CA HIS D 84 -35.56 -23.23 5.70
C HIS D 84 -34.31 -23.84 5.06
N ALA D 85 -34.39 -24.03 3.75
CA ALA D 85 -33.20 -24.39 3.00
C ALA D 85 -32.18 -23.27 3.10
N THR D 86 -30.93 -23.63 3.39
CA THR D 86 -29.89 -22.62 3.49
C THR D 86 -28.73 -23.01 2.60
N LEU D 87 -27.60 -22.34 2.74
CA LEU D 87 -26.54 -22.50 1.76
C LEU D 87 -26.02 -23.93 1.74
N ASN D 88 -25.59 -24.36 0.55
CA ASN D 88 -24.92 -25.66 0.36
C ASN D 88 -25.76 -26.84 0.83
N ASP D 89 -27.04 -26.82 0.45
CA ASP D 89 -27.95 -27.92 0.74
C ASP D 89 -28.18 -28.12 2.23
N GLY D 90 -27.85 -27.14 3.06
CA GLY D 90 -28.12 -27.27 4.46
C GLY D 90 -29.54 -26.89 4.80
N VAL D 91 -29.86 -27.07 6.07
CA VAL D 91 -31.16 -26.67 6.60
C VAL D 91 -30.92 -25.95 7.92
N VAL D 92 -31.42 -24.73 8.01
CA VAL D 92 -31.37 -23.95 9.25
C VAL D 92 -32.71 -24.08 9.95
N VAL D 93 -32.65 -24.33 11.26
CA VAL D 93 -33.83 -24.58 12.08
C VAL D 93 -33.81 -23.59 13.23
N GLN D 94 -34.93 -22.93 13.47
CA GLN D 94 -35.12 -22.13 14.68
C GLN D 94 -36.29 -22.70 15.47
N VAL D 95 -36.01 -23.13 16.69
CA VAL D 95 -37.00 -23.71 17.59
C VAL D 95 -37.33 -22.69 18.66
N MET D 96 -38.62 -22.52 18.95
CA MET D 96 -39.09 -21.73 20.08
C MET D 96 -39.87 -22.66 20.99
N GLY D 97 -39.54 -22.67 22.28
CA GLY D 97 -40.20 -23.62 23.16
C GLY D 97 -40.11 -23.27 24.62
N LEU D 98 -40.66 -24.17 25.43
CA LEU D 98 -40.67 -24.08 26.87
C LEU D 98 -39.90 -25.26 27.43
N LEU D 99 -39.18 -25.03 28.51
CA LEU D 99 -38.36 -26.05 29.14
C LEU D 99 -38.59 -26.03 30.65
N SER D 100 -38.80 -27.21 31.22
CA SER D 100 -38.83 -27.42 32.66
C SER D 100 -37.71 -28.38 32.99
N ASN D 101 -36.77 -27.94 33.81
CA ASN D 101 -35.69 -28.80 34.27
C ASN D 101 -35.89 -29.18 35.72
N ASN D 102 -35.66 -30.46 36.04
CA ASN D 102 -35.74 -30.95 37.42
C ASN D 102 -37.01 -30.45 38.11
N ASN D 103 -38.12 -30.49 37.38
CA ASN D 103 -39.42 -30.12 37.94
C ASN D 103 -39.43 -28.66 38.41
N GLN D 104 -38.71 -27.81 37.71
CA GLN D 104 -38.65 -26.40 38.05
C GLN D 104 -39.58 -25.58 37.15
N ALA D 105 -39.69 -24.29 37.45
CA ALA D 105 -40.55 -23.41 36.68
C ALA D 105 -40.14 -23.39 35.22
N LEU D 106 -41.10 -23.66 34.34
CA LEU D 106 -40.79 -23.72 32.91
C LEU D 106 -40.30 -22.36 32.42
N ARG D 107 -39.38 -22.40 31.47
CA ARG D 107 -38.76 -21.21 30.91
C ARG D 107 -38.78 -21.24 29.39
N ARG D 108 -39.04 -20.09 28.79
CA ARG D 108 -38.98 -19.96 27.34
C ARG D 108 -37.55 -20.02 26.84
N PHE D 109 -37.38 -20.57 25.64
CA PHE D 109 -36.05 -20.63 25.03
C PHE D 109 -36.16 -20.62 23.53
N MET D 110 -35.03 -20.33 22.88
CA MET D 110 -34.86 -20.57 21.46
C MET D 110 -33.63 -21.44 21.27
N GLN D 111 -33.61 -22.19 20.19
CA GLN D 111 -32.47 -23.04 19.83
C GLN D 111 -32.35 -22.93 18.33
N THR D 112 -31.18 -22.53 17.85
CA THR D 112 -30.88 -22.42 16.43
C THR D 112 -29.99 -23.58 16.04
N PHE D 113 -30.37 -24.31 14.98
CA PHE D 113 -29.57 -25.38 14.43
C PHE D 113 -29.25 -25.08 12.97
N VAL D 114 -28.08 -25.52 12.54
CA VAL D 114 -27.77 -25.65 11.13
C VAL D 114 -27.45 -27.11 10.87
N LEU D 115 -28.28 -27.77 10.07
CA LEU D 115 -28.08 -29.15 9.69
C LEU D 115 -27.36 -29.20 8.36
N ALA D 116 -26.33 -30.02 8.26
CA ALA D 116 -25.51 -30.12 7.07
C ALA D 116 -25.58 -31.53 6.51
N PRO D 117 -25.53 -31.68 5.17
CA PRO D 117 -25.56 -33.03 4.59
C PRO D 117 -24.39 -33.87 5.11
N GLU D 118 -24.70 -35.09 5.52
CA GLU D 118 -23.70 -36.02 6.04
C GLU D 118 -23.11 -36.87 4.91
N VAL D 121 -26.62 -42.07 2.88
CA VAL D 121 -26.18 -41.18 1.82
C VAL D 121 -27.14 -40.01 1.68
N ALA D 122 -28.20 -40.20 0.90
CA ALA D 122 -29.17 -39.13 0.69
C ALA D 122 -30.01 -38.91 1.95
N ASN D 123 -30.44 -37.67 2.13
CA ASN D 123 -31.26 -37.27 3.28
C ASN D 123 -30.58 -37.55 4.63
N LYS D 124 -29.26 -37.66 4.66
CA LYS D 124 -28.52 -37.89 5.89
C LYS D 124 -27.84 -36.59 6.28
N PHE D 125 -27.96 -36.21 7.55
CA PHE D 125 -27.48 -34.92 8.02
C PHE D 125 -26.73 -35.08 9.34
N TYR D 126 -25.90 -34.08 9.64
CA TYR D 126 -25.30 -33.91 10.95
C TYR D 126 -25.51 -32.47 11.40
N VAL D 127 -25.43 -32.24 12.70
CA VAL D 127 -25.63 -30.91 13.27
C VAL D 127 -24.31 -30.16 13.18
N HIS D 128 -24.28 -29.12 12.34
CA HIS D 128 -23.09 -28.30 12.24
C HIS D 128 -23.06 -27.20 13.30
N ASN D 129 -24.23 -26.69 13.69
CA ASN D 129 -24.35 -25.66 14.71
C ASN D 129 -25.54 -25.95 15.61
N ASP D 130 -25.35 -25.71 16.91
CA ASP D 130 -26.39 -25.93 17.92
C ASP D 130 -26.25 -24.83 18.95
N ILE D 131 -27.15 -23.85 18.91
CA ILE D 131 -27.07 -22.65 19.73
C ILE D 131 -28.35 -22.54 20.55
N PHE D 132 -28.24 -22.69 21.86
CA PHE D 132 -29.39 -22.62 22.76
C PHE D 132 -29.32 -21.35 23.60
N ARG D 133 -30.46 -20.72 23.84
CA ARG D 133 -30.52 -19.57 24.72
C ARG D 133 -31.89 -19.42 25.39
N TYR D 134 -31.87 -19.28 26.72
CA TYR D 134 -33.07 -18.95 27.47
C TYR D 134 -33.51 -17.52 27.17
N GLN D 135 -34.82 -17.29 27.30
CA GLN D 135 -35.38 -15.94 27.07
C GLN D 135 -34.95 -15.02 28.22
N MET E 8 14.90 12.70 3.65
CA MET E 8 16.10 12.73 4.46
C MET E 8 16.97 13.95 4.19
N ALA E 9 17.96 14.14 5.08
CA ALA E 9 18.97 15.17 4.88
C ALA E 9 19.85 14.86 3.67
N GLN E 10 20.11 13.58 3.40
CA GLN E 10 20.94 13.22 2.25
C GLN E 10 20.26 13.52 0.92
N MET E 11 18.94 13.75 0.93
CA MET E 11 18.24 14.17 -0.28
C MET E 11 18.32 15.67 -0.52
N GLN E 12 18.90 16.43 0.42
CA GLN E 12 18.98 17.87 0.29
C GLN E 12 20.07 18.24 -0.70
N GLY E 13 19.77 19.19 -1.57
CA GLY E 13 20.71 19.62 -2.57
C GLY E 13 20.12 20.72 -3.42
N PRO E 14 20.84 21.14 -4.46
CA PRO E 14 20.33 22.23 -5.30
C PRO E 14 19.03 21.90 -6.01
N TYR E 15 18.77 20.64 -6.31
CA TYR E 15 17.56 20.23 -6.99
C TYR E 15 16.66 19.46 -6.03
N ASN E 16 15.36 19.55 -6.24
CA ASN E 16 14.39 18.83 -5.42
C ASN E 16 13.53 17.93 -6.31
N PHE E 17 13.52 16.64 -6.01
CA PHE E 17 12.72 15.65 -6.74
C PHE E 17 11.62 15.08 -5.87
N ILE E 18 11.51 15.52 -4.62
CA ILE E 18 10.56 14.97 -3.66
C ILE E 18 9.31 15.83 -3.66
N GLN E 19 8.16 15.18 -3.79
CA GLN E 19 6.86 15.83 -3.66
C GLN E 19 6.19 15.42 -2.36
N ASP E 20 5.18 16.17 -1.96
CA ASP E 20 4.40 15.80 -0.78
C ASP E 20 3.77 14.43 -0.98
N SER E 21 3.76 13.63 0.07
CA SER E 21 3.13 12.32 -0.01
C SER E 21 1.62 12.48 -0.08
N MET E 22 1.01 11.97 -1.15
CA MET E 22 -0.44 12.04 -1.30
C MET E 22 -1.12 10.77 -0.83
N LEU E 23 -0.44 9.94 -0.06
CA LEU E 23 -1.01 8.69 0.43
C LEU E 23 -2.01 8.96 1.55
N ASP E 24 -3.06 8.13 1.60
CA ASP E 24 -4.14 8.29 2.56
C ASP E 24 -3.66 7.83 3.93
N PHE E 25 -3.25 8.77 4.78
CA PHE E 25 -2.84 8.42 6.13
C PHE E 25 -3.99 7.84 6.96
N GLU E 26 -5.23 8.02 6.51
CA GLU E 26 -6.39 7.51 7.23
C GLU E 26 -6.75 6.08 6.85
N ASN E 27 -6.41 5.65 5.64
CA ASN E 27 -6.75 4.30 5.17
C ASN E 27 -6.00 3.23 5.95
N TYR F 15 -34.62 -40.44 7.34
CA TYR F 15 -33.57 -39.48 7.68
C TYR F 15 -32.67 -40.03 8.79
N ASN F 16 -31.36 -39.93 8.59
CA ASN F 16 -30.38 -40.41 9.55
C ASN F 16 -29.57 -39.23 10.06
N PHE F 17 -29.67 -38.96 11.36
CA PHE F 17 -28.95 -37.84 11.97
C PHE F 17 -27.86 -38.28 12.93
N ILE F 18 -27.86 -39.54 13.37
CA ILE F 18 -26.86 -40.03 14.31
C ILE F 18 -25.63 -40.57 13.58
N GLU G 5 -9.30 4.75 -24.07
CA GLU G 5 -9.86 5.80 -24.91
C GLU G 5 -8.82 6.34 -25.90
N LYS G 6 -7.52 6.19 -25.58
CA LYS G 6 -6.44 6.56 -26.46
C LYS G 6 -5.75 5.33 -27.03
N PRO G 7 -5.21 5.39 -28.27
CA PRO G 7 -4.48 4.24 -28.80
C PRO G 7 -3.25 3.96 -27.97
N SER G 8 -2.91 2.68 -27.85
CA SER G 8 -1.80 2.32 -26.98
C SER G 8 -0.51 2.98 -27.47
N PRO G 9 0.26 3.62 -26.58
CA PRO G 9 1.57 4.15 -27.01
C PRO G 9 2.45 3.08 -27.61
N LEU G 10 2.24 1.82 -27.21
CA LEU G 10 3.06 0.72 -27.73
C LEU G 10 2.89 0.55 -29.22
N LEU G 11 1.72 0.87 -29.76
CA LEU G 11 1.54 0.78 -31.21
C LEU G 11 2.44 1.78 -31.93
N VAL G 12 2.47 3.03 -31.45
CA VAL G 12 3.34 4.05 -32.04
C VAL G 12 4.81 3.67 -31.87
N GLY G 13 5.19 3.21 -30.68
CA GLY G 13 6.58 2.88 -30.45
C GLY G 13 7.05 1.72 -31.31
N ARG G 14 6.26 0.66 -31.37
CA ARG G 14 6.66 -0.50 -32.15
C ARG G 14 6.79 -0.17 -33.63
N GLU G 15 5.87 0.62 -34.17
CA GLU G 15 5.96 0.97 -35.58
C GLU G 15 7.16 1.88 -35.84
N PHE G 16 7.43 2.81 -34.92
CA PHE G 16 8.59 3.67 -35.10
C PHE G 16 9.88 2.86 -35.04
N VAL G 17 9.99 1.98 -34.04
CA VAL G 17 11.18 1.14 -33.97
C VAL G 17 11.35 0.34 -35.26
N ARG G 18 10.25 -0.15 -35.82
CA ARG G 18 10.34 -0.87 -37.09
C ARG G 18 10.85 0.04 -38.21
N GLN G 19 10.29 1.24 -38.31
CA GLN G 19 10.70 2.14 -39.38
C GLN G 19 12.16 2.52 -39.22
N TYR G 20 12.58 2.83 -37.99
CA TYR G 20 13.93 3.30 -37.72
C TYR G 20 14.99 2.30 -38.16
N TYR G 21 14.85 1.05 -37.72
CA TYR G 21 15.88 0.07 -38.02
C TYR G 21 15.78 -0.51 -39.41
N THR G 22 14.60 -0.43 -40.04
CA THR G 22 14.52 -0.71 -41.47
C THR G 22 15.24 0.37 -42.27
N LEU G 23 15.01 1.63 -41.93
CA LEU G 23 15.70 2.73 -42.61
C LEU G 23 17.20 2.69 -42.34
N LEU G 24 17.60 2.31 -41.12
CA LEU G 24 19.01 2.23 -40.81
C LEU G 24 19.71 1.23 -41.73
N ASN G 25 19.00 0.18 -42.13
CA ASN G 25 19.57 -0.80 -43.05
C ASN G 25 19.50 -0.31 -44.49
N GLN G 26 18.39 0.31 -44.87
CA GLN G 26 18.16 0.63 -46.28
C GLN G 26 18.91 1.88 -46.71
N ALA G 27 18.88 2.92 -45.88
CA ALA G 27 19.43 4.22 -46.25
C ALA G 27 19.79 5.01 -44.98
N PRO G 28 20.83 4.61 -44.25
CA PRO G 28 21.19 5.40 -43.06
C PRO G 28 21.45 6.86 -43.39
N ASP G 29 21.80 7.17 -44.63
CA ASP G 29 22.00 8.55 -45.07
C ASP G 29 20.74 9.39 -44.94
N MET G 30 19.57 8.76 -44.86
CA MET G 30 18.31 9.47 -44.72
C MET G 30 17.77 9.44 -43.30
N LEU G 31 18.50 8.85 -42.36
CA LEU G 31 18.02 8.77 -40.99
C LEU G 31 17.76 10.15 -40.41
N HIS G 32 18.58 11.11 -40.77
CA HIS G 32 18.49 12.44 -40.18
C HIS G 32 17.10 13.05 -40.30
N ARG G 33 16.30 12.58 -41.24
CA ARG G 33 14.98 13.18 -41.44
C ARG G 33 14.10 12.99 -40.22
N PHE G 34 14.50 12.15 -39.25
CA PHE G 34 13.71 11.94 -38.03
C PHE G 34 13.90 13.06 -37.01
N TYR G 35 14.93 13.85 -37.17
CA TYR G 35 15.40 14.73 -36.12
C TYR G 35 15.16 16.20 -36.46
N GLY G 36 15.19 17.04 -35.43
CA GLY G 36 14.96 18.46 -35.58
C GLY G 36 16.04 19.31 -34.95
N LYS G 37 15.79 20.61 -34.85
CA LYS G 37 16.82 21.53 -34.38
C LYS G 37 17.32 21.19 -32.98
N ASN G 38 16.41 20.74 -32.09
CA ASN G 38 16.82 20.49 -30.69
C ASN G 38 16.85 19.00 -30.36
N SER G 39 17.03 18.13 -31.36
CA SER G 39 17.11 16.69 -31.10
C SER G 39 18.50 16.32 -30.63
N SER G 40 18.57 15.27 -29.81
CA SER G 40 19.83 14.76 -29.29
C SER G 40 20.04 13.35 -29.82
N TYR G 41 21.30 12.97 -30.01
CA TYR G 41 21.63 11.68 -30.61
C TYR G 41 22.97 11.18 -30.10
N VAL G 42 23.00 9.92 -29.66
CA VAL G 42 24.25 9.20 -29.41
C VAL G 42 24.08 7.74 -29.81
N HIS G 43 25.16 7.14 -30.33
CA HIS G 43 25.11 5.73 -30.76
C HIS G 43 26.39 5.04 -30.27
N GLY G 44 26.42 4.74 -28.97
CA GLY G 44 27.56 4.08 -28.40
C GLY G 44 28.85 4.85 -28.65
N GLY G 45 29.96 4.12 -28.73
CA GLY G 45 31.25 4.73 -28.96
C GLY G 45 31.97 5.07 -27.67
N LEU G 46 33.28 5.29 -27.81
CA LEU G 46 34.13 5.63 -26.67
C LEU G 46 34.95 6.88 -26.95
N ASP G 47 35.25 7.62 -25.90
CA ASP G 47 36.01 8.86 -26.01
C ASP G 47 36.39 9.41 -24.64
N SER G 48 37.33 8.78 -23.93
CA SER G 48 38.05 7.56 -24.33
C SER G 48 39.30 7.44 -23.44
N LYS G 51 35.99 6.17 -22.18
CA LYS G 51 34.74 6.77 -21.69
C LYS G 51 33.68 6.88 -22.80
N PRO G 52 32.43 6.54 -22.46
CA PRO G 52 31.35 6.58 -23.47
C PRO G 52 31.27 7.90 -24.21
N ALA G 53 31.12 7.82 -25.53
CA ALA G 53 31.12 9.00 -26.39
C ALA G 53 29.94 9.90 -26.07
N ASP G 54 30.12 11.19 -26.34
CA ASP G 54 29.12 12.20 -26.03
C ASP G 54 28.09 12.30 -27.16
N ALA G 55 26.89 12.77 -26.80
CA ALA G 55 25.86 13.00 -27.79
C ALA G 55 26.13 14.29 -28.58
N VAL G 56 25.49 14.39 -29.75
CA VAL G 56 25.48 15.63 -30.53
C VAL G 56 24.03 16.04 -30.75
N TYR G 57 23.86 17.28 -31.22
CA TYR G 57 22.56 17.92 -31.26
C TYR G 57 22.32 18.56 -32.62
N GLY G 58 21.05 18.60 -33.02
CA GLY G 58 20.69 19.25 -34.27
C GLY G 58 20.79 18.31 -35.46
N GLN G 59 19.88 18.51 -36.42
CA GLN G 59 19.75 17.59 -37.53
C GLN G 59 21.05 17.43 -38.31
N LYS G 60 21.79 18.51 -38.53
CA LYS G 60 22.98 18.39 -39.37
C LYS G 60 24.11 17.68 -38.64
N GLU G 61 24.35 18.02 -37.37
CA GLU G 61 25.40 17.31 -36.63
C GLU G 61 25.03 15.85 -36.47
N ILE G 62 23.74 15.55 -36.26
CA ILE G 62 23.29 14.17 -36.14
C ILE G 62 23.58 13.41 -37.43
N HIS G 63 23.23 14.00 -38.57
CA HIS G 63 23.55 13.37 -39.85
C HIS G 63 25.05 13.12 -39.96
N ARG G 64 25.85 14.08 -39.50
CA ARG G 64 27.30 13.89 -39.47
C ARG G 64 27.67 12.65 -38.66
N LYS G 65 27.13 12.52 -37.45
CA LYS G 65 27.50 11.41 -36.58
C LYS G 65 27.02 10.09 -37.17
N VAL G 66 25.82 10.08 -37.75
CA VAL G 66 25.27 8.84 -38.30
C VAL G 66 26.18 8.28 -39.40
N MET G 67 26.44 9.08 -40.44
CA MET G 67 27.32 8.58 -41.50
C MET G 67 28.74 8.38 -40.99
N SER G 68 29.12 9.09 -39.92
CA SER G 68 30.41 8.83 -39.30
C SER G 68 30.47 7.42 -38.73
N GLN G 69 29.31 6.87 -38.34
CA GLN G 69 29.27 5.50 -37.86
C GLN G 69 29.38 4.51 -39.01
N ASN G 70 29.20 4.98 -40.25
CA ASN G 70 29.27 4.18 -41.47
C ASN G 70 28.51 2.85 -41.33
N PHE G 71 27.21 3.00 -41.15
CA PHE G 71 26.30 1.86 -41.11
C PHE G 71 26.23 1.20 -42.49
N THR G 72 26.55 -0.07 -42.56
CA THR G 72 26.52 -0.79 -43.84
C THR G 72 25.87 -2.14 -43.63
N ASN G 73 24.75 -2.38 -44.32
CA ASN G 73 24.04 -3.66 -44.24
C ASN G 73 23.68 -4.04 -42.80
N CYS G 74 23.24 -3.05 -42.03
CA CYS G 74 22.95 -3.29 -40.62
C CYS G 74 21.83 -4.31 -40.46
N HIS G 75 21.99 -5.21 -39.49
CA HIS G 75 20.93 -6.14 -39.11
C HIS G 75 20.64 -5.99 -37.62
N THR G 76 19.36 -5.88 -37.28
CA THR G 76 18.95 -5.64 -35.89
C THR G 76 17.97 -6.73 -35.46
N LYS G 77 18.18 -7.30 -34.28
CA LYS G 77 17.23 -8.23 -33.67
C LYS G 77 16.61 -7.55 -32.46
N ILE G 78 15.33 -7.17 -32.58
CA ILE G 78 14.61 -6.50 -31.51
C ILE G 78 14.08 -7.53 -30.53
N ARG G 79 14.53 -7.47 -29.28
CA ARG G 79 14.10 -8.38 -28.24
C ARG G 79 13.18 -7.76 -27.20
N HIS G 80 13.14 -6.43 -27.08
CA HIS G 80 12.28 -5.78 -26.10
C HIS G 80 11.93 -4.38 -26.60
N VAL G 81 10.64 -4.05 -26.53
CA VAL G 81 10.14 -2.72 -26.84
C VAL G 81 9.07 -2.36 -25.81
N ASP G 82 9.27 -1.25 -25.10
CA ASP G 82 8.22 -0.70 -24.25
C ASP G 82 8.04 0.76 -24.62
N ALA G 83 6.79 1.23 -24.53
CA ALA G 83 6.51 2.61 -24.90
C ALA G 83 5.37 3.13 -24.05
N HIS G 84 5.49 4.39 -23.64
CA HIS G 84 4.54 4.98 -22.71
C HIS G 84 4.38 6.46 -23.06
N ALA G 85 3.16 6.96 -22.84
CA ALA G 85 2.92 8.38 -23.03
C ALA G 85 3.78 9.17 -22.07
N THR G 86 4.27 10.31 -22.52
CA THR G 86 5.08 11.19 -21.68
C THR G 86 4.64 12.64 -21.89
N LEU G 87 5.49 13.58 -21.49
CA LEU G 87 5.17 15.00 -21.50
C LEU G 87 4.62 15.44 -22.85
N ASN G 88 3.60 16.31 -22.81
CA ASN G 88 3.12 16.98 -24.01
C ASN G 88 2.73 16.01 -25.12
N ASP G 89 2.09 14.91 -24.74
CA ASP G 89 1.63 13.89 -25.68
C ASP G 89 2.79 13.29 -26.46
N GLY G 90 4.01 13.35 -25.94
CA GLY G 90 5.11 12.60 -26.49
C GLY G 90 5.00 11.11 -26.17
N VAL G 91 5.96 10.35 -26.68
CA VAL G 91 6.07 8.93 -26.40
C VAL G 91 7.53 8.61 -26.09
N VAL G 92 7.76 7.99 -24.94
CA VAL G 92 9.10 7.52 -24.57
C VAL G 92 9.14 6.03 -24.88
N VAL G 93 10.20 5.59 -25.53
CA VAL G 93 10.32 4.22 -26.02
C VAL G 93 11.59 3.63 -25.44
N GLN G 94 11.49 2.43 -24.88
CA GLN G 94 12.65 1.69 -24.41
C GLN G 94 12.86 0.48 -25.30
N VAL G 95 14.09 0.29 -25.77
CA VAL G 95 14.41 -0.77 -26.71
C VAL G 95 15.66 -1.52 -26.24
N MET G 96 15.62 -2.84 -26.32
CA MET G 96 16.80 -3.67 -26.15
C MET G 96 16.86 -4.68 -27.28
N GLY G 97 18.04 -4.89 -27.82
CA GLY G 97 18.20 -5.86 -28.89
C GLY G 97 19.65 -6.08 -29.22
N LEU G 98 19.87 -6.69 -30.38
CA LEU G 98 21.19 -6.96 -30.91
C LEU G 98 21.34 -6.27 -32.25
N LEU G 99 22.51 -5.70 -32.50
CA LEU G 99 22.78 -4.99 -33.74
C LEU G 99 24.08 -5.52 -34.33
N SER G 100 24.03 -5.93 -35.59
CA SER G 100 25.20 -6.36 -36.36
C SER G 100 25.43 -5.36 -37.47
N ASN G 101 26.57 -4.70 -37.46
CA ASN G 101 26.95 -3.78 -38.53
C ASN G 101 28.03 -4.39 -39.41
N ASN G 102 27.84 -4.29 -40.71
CA ASN G 102 28.81 -4.76 -41.73
C ASN G 102 29.21 -6.21 -41.50
N ASN G 103 28.19 -7.12 -41.44
CA ASN G 103 28.45 -8.54 -41.23
C ASN G 103 29.34 -8.87 -40.06
N GLN G 104 29.42 -7.97 -39.07
CA GLN G 104 30.14 -8.30 -37.87
C GLN G 104 29.21 -8.94 -36.83
N ALA G 105 29.78 -9.34 -35.69
CA ALA G 105 29.00 -10.02 -34.67
C ALA G 105 27.90 -9.12 -34.13
N LEU G 106 26.80 -9.74 -33.72
CA LEU G 106 25.71 -9.02 -33.10
C LEU G 106 26.11 -8.53 -31.71
N ARG G 107 25.80 -7.28 -31.41
CA ARG G 107 26.14 -6.67 -30.13
C ARG G 107 24.87 -6.21 -29.43
N ARG G 108 24.73 -6.56 -28.16
CA ARG G 108 23.58 -6.15 -27.39
C ARG G 108 23.59 -4.65 -27.15
N PHE G 109 22.41 -4.07 -27.11
CA PHE G 109 22.31 -2.63 -26.89
C PHE G 109 21.10 -2.31 -26.04
N MET G 110 21.18 -1.13 -25.41
CA MET G 110 20.11 -0.55 -24.62
C MET G 110 19.86 0.85 -25.16
N GLN G 111 18.59 1.16 -25.46
CA GLN G 111 18.26 2.38 -26.18
C GLN G 111 16.98 3.01 -25.64
N THR G 112 16.97 4.34 -25.66
CA THR G 112 15.80 5.12 -25.27
C THR G 112 15.51 6.12 -26.37
N PHE G 113 14.26 6.19 -26.80
CA PHE G 113 13.78 7.24 -27.69
C PHE G 113 12.76 8.11 -26.97
N VAL G 114 12.73 9.39 -27.31
CA VAL G 114 11.60 10.27 -26.99
C VAL G 114 11.05 10.78 -28.31
N LEU G 115 9.79 10.46 -28.58
CA LEU G 115 9.10 10.90 -29.78
C LEU G 115 8.16 12.04 -29.42
N ALA G 116 8.15 13.08 -30.24
CA ALA G 116 7.23 14.18 -30.04
C ALA G 116 6.27 14.29 -31.22
N PRO G 117 5.05 14.79 -31.01
CA PRO G 117 4.16 15.06 -32.14
C PRO G 117 4.71 16.14 -33.04
N GLU G 118 4.78 15.85 -34.34
CA GLU G 118 5.30 16.79 -35.32
C GLU G 118 4.60 18.15 -35.19
N PHE G 125 5.10 11.94 -35.75
CA PHE G 125 6.10 12.15 -34.69
C PHE G 125 7.50 12.39 -35.26
N TYR G 126 8.35 12.98 -34.44
CA TYR G 126 9.75 13.25 -34.76
C TYR G 126 10.56 12.93 -33.52
N VAL G 127 11.81 12.52 -33.73
CA VAL G 127 12.66 12.04 -32.64
C VAL G 127 13.30 13.24 -31.95
N HIS G 128 12.89 13.48 -30.71
CA HIS G 128 13.51 14.52 -29.90
C HIS G 128 14.80 14.03 -29.27
N ASN G 129 14.85 12.75 -28.88
CA ASN G 129 16.02 12.20 -28.22
C ASN G 129 16.23 10.77 -28.68
N ASP G 130 17.49 10.41 -28.95
CA ASP G 130 17.87 9.07 -29.38
C ASP G 130 19.14 8.69 -28.63
N ILE G 131 19.00 7.81 -27.63
CA ILE G 131 20.10 7.41 -26.76
C ILE G 131 20.34 5.92 -26.94
N PHE G 132 21.49 5.57 -27.51
CA PHE G 132 21.83 4.19 -27.83
C PHE G 132 23.19 3.88 -27.23
N ARG G 133 23.29 2.77 -26.52
CA ARG G 133 24.57 2.35 -25.97
C ARG G 133 24.72 0.84 -26.17
N TYR G 134 25.89 0.41 -26.65
CA TYR G 134 26.24 -0.99 -26.65
C TYR G 134 26.60 -1.41 -25.23
N GLN G 135 26.12 -2.60 -24.84
CA GLN G 135 26.40 -3.09 -23.49
C GLN G 135 27.89 -3.36 -23.27
N ASP G 136 28.56 -3.91 -24.29
CA ASP G 136 29.96 -4.32 -24.11
C ASP G 136 30.86 -3.12 -23.83
N GLU G 137 30.49 -1.94 -24.35
CA GLU G 137 31.30 -0.75 -24.11
C GLU G 137 31.07 -0.15 -22.73
N VAL G 138 30.01 -0.53 -22.03
CA VAL G 138 29.68 0.01 -20.71
C VAL G 138 29.94 -1.00 -19.60
N PHE G 139 29.52 -2.24 -19.79
CA PHE G 139 29.74 -3.30 -18.83
C PHE G 139 31.05 -4.02 -19.10
N GLY G 140 31.67 -4.53 -18.04
CA GLY G 140 32.93 -5.25 -18.17
C GLY G 140 34.05 -4.62 -17.37
N MET H 4 28.86 8.30 -3.01
CA MET H 4 27.65 8.83 -3.62
C MET H 4 26.56 9.04 -2.56
N GLU H 5 26.98 9.40 -1.35
CA GLU H 5 26.07 9.72 -0.26
C GLU H 5 25.87 11.22 -0.11
N LYS H 6 26.44 12.03 -1.00
CA LYS H 6 26.29 13.47 -1.01
C LYS H 6 26.28 13.93 -2.45
N PRO H 7 25.70 15.09 -2.77
CA PRO H 7 25.73 15.60 -4.14
C PRO H 7 27.17 15.75 -4.60
N SER H 8 27.37 15.68 -5.92
CA SER H 8 28.71 15.77 -6.48
C SER H 8 29.30 17.15 -6.23
N PRO H 9 30.61 17.24 -5.98
CA PRO H 9 31.23 18.56 -5.85
C PRO H 9 30.95 19.46 -7.03
N LEU H 10 30.87 18.88 -8.23
CA LEU H 10 30.61 19.68 -9.41
C LEU H 10 29.22 20.28 -9.37
N LEU H 11 28.22 19.50 -8.94
CA LEU H 11 26.89 20.07 -8.81
C LEU H 11 26.91 21.20 -7.79
N VAL H 12 27.54 20.97 -6.64
CA VAL H 12 27.57 21.99 -5.60
C VAL H 12 28.24 23.25 -6.14
N GLY H 13 29.41 23.08 -6.73
CA GLY H 13 30.15 24.22 -7.24
C GLY H 13 29.42 24.96 -8.34
N ARG H 14 28.85 24.22 -9.30
CA ARG H 14 28.19 24.88 -10.43
C ARG H 14 26.91 25.63 -10.02
N GLU H 15 26.16 25.10 -9.06
CA GLU H 15 24.94 25.77 -8.64
C GLU H 15 25.26 26.96 -7.73
N PHE H 16 26.35 26.88 -6.96
CA PHE H 16 26.76 28.05 -6.19
C PHE H 16 27.15 29.19 -7.12
N VAL H 17 27.96 28.87 -8.14
CA VAL H 17 28.39 29.87 -9.10
C VAL H 17 27.19 30.52 -9.78
N ARG H 18 26.19 29.71 -10.15
CA ARG H 18 24.97 30.27 -10.71
C ARG H 18 24.35 31.28 -9.77
N GLN H 19 24.18 30.91 -8.50
CA GLN H 19 23.50 31.82 -7.57
C GLN H 19 24.38 33.02 -7.24
N TYR H 20 25.69 32.81 -7.16
CA TYR H 20 26.60 33.92 -6.82
C TYR H 20 26.53 35.02 -7.86
N TYR H 21 26.74 34.68 -9.14
CA TYR H 21 26.78 35.73 -10.15
C TYR H 21 25.39 36.24 -10.51
N THR H 22 24.35 35.47 -10.26
CA THR H 22 23.00 36.01 -10.36
C THR H 22 22.79 37.11 -9.32
N LEU H 23 23.16 36.82 -8.06
CA LEU H 23 23.02 37.80 -6.99
C LEU H 23 23.92 38.99 -7.23
N LEU H 24 25.11 38.76 -7.78
CA LEU H 24 26.02 39.87 -8.09
C LEU H 24 25.37 40.87 -9.05
N ASN H 25 24.57 40.36 -9.99
CA ASN H 25 23.92 41.24 -10.95
C ASN H 25 22.64 41.84 -10.37
N GLN H 26 21.91 41.09 -9.55
CA GLN H 26 20.57 41.49 -9.15
C GLN H 26 20.51 42.17 -7.80
N ALA H 27 21.29 41.73 -6.81
CA ALA H 27 21.28 42.35 -5.48
C ALA H 27 22.62 42.11 -4.82
N PRO H 28 23.67 42.77 -5.30
CA PRO H 28 24.99 42.60 -4.66
C PRO H 28 24.98 42.96 -3.20
N ASP H 29 24.05 43.81 -2.74
CA ASP H 29 23.94 44.06 -1.30
C ASP H 29 23.50 42.83 -0.52
N MET H 30 23.11 41.74 -1.21
CA MET H 30 22.74 40.50 -0.54
C MET H 30 23.86 39.45 -0.57
N LEU H 31 24.96 39.73 -1.27
CA LEU H 31 26.05 38.76 -1.41
C LEU H 31 26.59 38.34 -0.05
N HIS H 32 26.46 39.20 0.97
CA HIS H 32 27.05 38.95 2.28
C HIS H 32 26.54 37.67 2.92
N ARG H 33 25.36 37.19 2.52
CA ARG H 33 24.80 35.99 3.12
C ARG H 33 25.68 34.76 2.91
N PHE H 34 26.62 34.82 1.96
CA PHE H 34 27.46 33.67 1.67
C PHE H 34 28.60 33.49 2.65
N TYR H 35 28.90 34.50 3.47
CA TYR H 35 30.15 34.53 4.21
C TYR H 35 29.93 34.39 5.71
N GLY H 36 30.99 33.98 6.41
CA GLY H 36 30.96 33.81 7.84
C GLY H 36 32.11 34.54 8.51
N LYS H 37 32.15 34.43 9.84
CA LYS H 37 33.25 34.95 10.65
C LYS H 37 34.62 34.73 9.99
N ASN H 38 34.95 33.49 9.67
CA ASN H 38 36.27 33.11 9.17
C ASN H 38 36.52 33.41 7.69
N SER H 39 35.51 33.88 6.97
CA SER H 39 35.64 34.04 5.53
C SER H 39 36.60 35.18 5.14
N SER H 40 37.29 34.95 4.02
CA SER H 40 38.19 35.93 3.41
C SER H 40 37.71 36.28 2.01
N TYR H 41 37.75 37.58 1.69
CA TYR H 41 37.29 38.08 0.41
C TYR H 41 38.40 38.95 -0.18
N VAL H 42 38.83 38.63 -1.39
CA VAL H 42 39.92 39.33 -2.06
C VAL H 42 39.43 39.76 -3.43
N HIS H 43 39.52 41.05 -3.72
CA HIS H 43 39.04 41.54 -5.00
C HIS H 43 39.71 42.87 -5.38
N ALA H 53 45.86 43.89 -4.07
CA ALA H 53 44.70 44.08 -3.22
C ALA H 53 44.86 43.33 -1.90
N ASP H 54 44.25 43.86 -0.85
CA ASP H 54 44.31 43.29 0.49
C ASP H 54 43.00 42.63 0.85
N ALA H 55 43.07 41.58 1.66
CA ALA H 55 41.90 40.79 2.01
C ALA H 55 41.13 41.45 3.13
N VAL H 56 39.82 41.24 3.12
CA VAL H 56 38.95 41.65 4.21
C VAL H 56 38.24 40.41 4.74
N TYR H 57 37.82 40.48 6.00
CA TYR H 57 37.35 39.30 6.71
C TYR H 57 36.01 39.57 7.37
N GLY H 58 35.16 38.56 7.34
CA GLY H 58 33.88 38.60 8.04
C GLY H 58 32.77 39.23 7.23
N GLN H 59 31.54 38.85 7.60
CA GLN H 59 30.38 39.29 6.85
C GLN H 59 30.31 40.80 6.76
N LYS H 60 30.40 41.49 7.91
CA LYS H 60 30.21 42.92 7.92
C LYS H 60 31.26 43.62 7.05
N GLU H 61 32.53 43.27 7.23
CA GLU H 61 33.59 43.92 6.46
C GLU H 61 33.59 43.47 5.01
N ILE H 62 33.18 42.24 4.74
CA ILE H 62 33.07 41.79 3.35
C ILE H 62 31.94 42.52 2.66
N HIS H 63 30.78 42.61 3.32
CA HIS H 63 29.67 43.38 2.77
C HIS H 63 30.10 44.81 2.45
N ARG H 64 30.80 45.46 3.38
CA ARG H 64 31.26 46.82 3.14
C ARG H 64 32.16 46.89 1.91
N LYS H 65 33.06 45.92 1.75
CA LYS H 65 33.91 45.93 0.57
C LYS H 65 33.09 45.73 -0.69
N VAL H 66 32.12 44.80 -0.66
CA VAL H 66 31.32 44.54 -1.85
C VAL H 66 30.56 45.80 -2.26
N MET H 67 29.93 46.47 -1.29
CA MET H 67 29.17 47.68 -1.62
C MET H 67 30.08 48.82 -2.05
N SER H 68 31.34 48.80 -1.63
CA SER H 68 32.29 49.81 -2.07
C SER H 68 32.57 49.73 -3.57
N GLN H 69 32.52 48.53 -4.14
CA GLN H 69 32.94 48.34 -5.52
C GLN H 69 31.93 48.77 -6.56
N ASN H 70 30.70 49.10 -6.17
CA ASN H 70 29.68 49.58 -7.08
C ASN H 70 29.47 48.64 -8.27
N PHE H 71 29.04 47.43 -7.95
CA PHE H 71 28.57 46.50 -8.97
C PHE H 71 27.27 47.04 -9.56
N THR H 72 27.34 47.55 -10.79
CA THR H 72 26.20 48.16 -11.45
C THR H 72 25.90 47.39 -12.71
N ASN H 73 24.68 46.86 -12.79
CA ASN H 73 24.28 45.97 -13.88
C ASN H 73 25.42 45.03 -14.28
N CYS H 74 26.03 44.43 -13.28
CA CYS H 74 27.12 43.49 -13.52
C CYS H 74 26.62 42.28 -14.31
N HIS H 75 27.23 42.04 -15.47
CA HIS H 75 26.86 40.91 -16.32
C HIS H 75 28.05 39.97 -16.44
N THR H 76 27.79 38.68 -16.22
CA THR H 76 28.83 37.67 -16.19
C THR H 76 28.53 36.61 -17.24
N LYS H 77 29.57 36.14 -17.91
CA LYS H 77 29.50 34.99 -18.80
C LYS H 77 30.55 33.99 -18.32
N ILE H 78 30.08 32.86 -17.78
CA ILE H 78 30.98 31.83 -17.28
C ILE H 78 31.43 30.98 -18.46
N ARG H 79 32.73 30.82 -18.61
CA ARG H 79 33.26 30.00 -19.69
C ARG H 79 33.68 28.61 -19.22
N HIS H 80 34.03 28.45 -17.96
CA HIS H 80 34.32 27.12 -17.45
C HIS H 80 34.30 27.14 -15.93
N VAL H 81 33.86 26.03 -15.36
CA VAL H 81 33.88 25.83 -13.92
C VAL H 81 34.51 24.49 -13.62
N ASP H 82 35.52 24.49 -12.76
CA ASP H 82 36.11 23.30 -12.19
C ASP H 82 35.73 23.31 -10.72
N ALA H 83 35.28 22.18 -10.19
CA ALA H 83 34.88 22.10 -8.78
C ALA H 83 35.22 20.72 -8.25
N HIS H 84 35.99 20.67 -7.18
CA HIS H 84 36.49 19.40 -6.64
C HIS H 84 36.32 19.34 -5.14
N ALA H 85 36.13 18.12 -4.63
CA ALA H 85 36.19 17.89 -3.20
C ALA H 85 37.58 18.25 -2.69
N THR H 86 37.63 18.94 -1.56
CA THR H 86 38.91 19.28 -0.95
C THR H 86 38.89 18.93 0.53
N LEU H 87 39.88 19.40 1.26
CA LEU H 87 40.06 18.98 2.63
C LEU H 87 38.88 19.40 3.50
N ASN H 88 38.64 18.63 4.57
CA ASN H 88 37.60 18.92 5.57
C ASN H 88 36.23 19.07 4.93
N ASP H 89 35.92 18.20 3.97
CA ASP H 89 34.59 18.15 3.34
C ASP H 89 34.25 19.45 2.62
N GLY H 90 35.25 20.25 2.25
CA GLY H 90 35.02 21.43 1.47
C GLY H 90 34.94 21.13 -0.01
N VAL H 91 34.67 22.18 -0.78
CA VAL H 91 34.67 22.14 -2.23
C VAL H 91 35.45 23.34 -2.72
N VAL H 92 36.46 23.10 -3.54
CA VAL H 92 37.24 24.18 -4.17
C VAL H 92 36.73 24.38 -5.60
N VAL H 93 36.54 25.63 -5.98
CA VAL H 93 35.97 25.97 -7.27
C VAL H 93 36.89 26.97 -7.96
N GLN H 94 37.21 26.71 -9.23
CA GLN H 94 37.89 27.69 -10.07
C GLN H 94 36.99 28.09 -11.23
N VAL H 95 36.68 29.38 -11.31
CA VAL H 95 35.81 29.93 -12.36
C VAL H 95 36.67 30.72 -13.34
N MET H 96 36.45 30.49 -14.63
CA MET H 96 37.01 31.32 -15.69
C MET H 96 35.87 31.91 -16.49
N GLY H 97 35.86 33.22 -16.63
CA GLY H 97 34.75 33.83 -17.33
C GLY H 97 35.05 35.24 -17.75
N LEU H 98 34.02 35.88 -18.28
CA LEU H 98 34.04 37.28 -18.68
C LEU H 98 33.04 38.05 -17.84
N LEU H 99 33.41 39.27 -17.46
CA LEU H 99 32.54 40.10 -16.62
C LEU H 99 32.47 41.50 -17.21
N SER H 100 31.26 42.02 -17.30
CA SER H 100 30.99 43.39 -17.72
C SER H 100 30.31 44.11 -16.57
N ASN H 101 30.96 45.15 -16.07
CA ASN H 101 30.39 46.03 -15.07
C ASN H 101 30.16 47.40 -15.68
N ASN H 102 29.04 48.03 -15.31
CA ASN H 102 28.71 49.37 -15.79
C ASN H 102 28.78 49.43 -17.32
N ASN H 103 28.26 48.39 -17.96
CA ASN H 103 28.09 48.36 -19.41
C ASN H 103 29.39 48.59 -20.15
N GLN H 104 30.50 48.13 -19.60
CA GLN H 104 31.79 48.26 -20.25
C GLN H 104 32.13 46.95 -20.95
N ALA H 105 33.25 46.95 -21.67
CA ALA H 105 33.66 45.75 -22.39
C ALA H 105 33.85 44.59 -21.42
N LEU H 106 33.47 43.40 -21.84
CA LEU H 106 33.70 42.20 -21.04
C LEU H 106 35.19 41.99 -20.87
N ARG H 107 35.59 41.63 -19.65
CA ARG H 107 36.98 41.36 -19.33
C ARG H 107 37.11 39.96 -18.76
N ARG H 108 38.16 39.25 -19.17
CA ARG H 108 38.41 37.91 -18.67
C ARG H 108 38.81 37.96 -17.20
N PHE H 109 38.43 36.93 -16.45
CA PHE H 109 38.79 36.91 -15.04
C PHE H 109 38.95 35.47 -14.57
N MET H 110 39.64 35.35 -13.44
CA MET H 110 39.72 34.17 -12.59
C MET H 110 38.90 34.43 -11.34
N GLN H 111 38.27 33.40 -10.80
CA GLN H 111 37.76 33.48 -9.44
C GLN H 111 37.92 32.13 -8.77
N THR H 112 38.61 32.12 -7.63
CA THR H 112 38.79 30.91 -6.83
C THR H 112 37.91 30.99 -5.61
N PHE H 113 37.13 29.94 -5.38
CA PHE H 113 36.34 29.82 -4.16
C PHE H 113 36.73 28.57 -3.40
N VAL H 114 36.69 28.66 -2.08
CA VAL H 114 36.67 27.49 -1.22
C VAL H 114 35.36 27.50 -0.44
N LEU H 115 34.52 26.50 -0.66
CA LEU H 115 33.23 26.35 0.01
C LEU H 115 33.40 25.37 1.17
N ALA H 116 32.89 25.75 2.33
CA ALA H 116 33.02 24.95 3.52
C ALA H 116 31.64 24.58 4.03
N PRO H 117 31.46 23.39 4.61
CA PRO H 117 30.14 23.02 5.13
C PRO H 117 29.64 24.04 6.15
N GLU H 118 28.39 24.47 5.98
CA GLU H 118 27.78 25.43 6.89
C GLU H 118 27.12 24.73 8.06
N VAL H 121 23.79 21.80 9.42
CA VAL H 121 22.96 21.70 8.22
C VAL H 121 23.21 20.39 7.49
N ALA H 122 22.73 20.31 6.25
CA ALA H 122 22.80 19.09 5.45
C ALA H 122 23.17 19.49 4.03
N ASN H 123 24.45 19.31 3.67
CA ASN H 123 24.95 19.65 2.34
C ASN H 123 24.80 21.14 2.03
N LYS H 124 24.83 21.97 3.06
CA LYS H 124 24.78 23.42 2.93
C LYS H 124 26.18 23.98 3.10
N PHE H 125 26.53 24.97 2.30
CA PHE H 125 27.90 25.51 2.28
C PHE H 125 27.86 27.03 2.43
N TYR H 126 28.99 27.57 2.89
CA TYR H 126 29.28 29.00 2.91
C TYR H 126 30.65 29.22 2.27
N VAL H 127 30.89 30.45 1.82
CA VAL H 127 32.14 30.79 1.15
C VAL H 127 33.20 31.12 2.19
N HIS H 128 34.21 30.26 2.30
CA HIS H 128 35.33 30.49 3.21
C HIS H 128 36.43 31.34 2.58
N ASN H 129 36.64 31.20 1.27
CA ASN H 129 37.61 31.97 0.51
C ASN H 129 37.00 32.38 -0.82
N ASP H 130 37.25 33.63 -1.19
CA ASP H 130 36.73 34.20 -2.43
C ASP H 130 37.82 35.11 -2.97
N ILE H 131 38.48 34.68 -4.05
CA ILE H 131 39.64 35.37 -4.61
C ILE H 131 39.35 35.66 -6.08
N PHE H 132 39.23 36.93 -6.42
CA PHE H 132 38.91 37.35 -7.79
C PHE H 132 40.08 38.10 -8.39
N ARG H 133 40.36 37.88 -9.68
CA ARG H 133 41.39 38.66 -10.35
C ARG H 133 41.09 38.78 -11.83
N TYR H 134 41.10 40.01 -12.32
CA TYR H 134 41.03 40.24 -13.76
C TYR H 134 42.36 39.85 -14.42
N GLN H 135 42.26 39.32 -15.64
CA GLN H 135 43.47 38.91 -16.36
C GLN H 135 44.27 40.12 -16.82
N ASP H 136 43.61 41.07 -17.50
CA ASP H 136 44.33 42.17 -18.13
C ASP H 136 45.20 42.92 -17.13
N GLU H 137 44.78 42.98 -15.87
CA GLU H 137 45.57 43.63 -14.84
C GLU H 137 46.88 42.91 -14.54
N VAL H 138 47.03 41.67 -14.99
CA VAL H 138 48.16 40.84 -14.63
C VAL H 138 49.16 40.74 -15.78
N PHE H 139 48.68 40.71 -17.02
CA PHE H 139 49.56 40.55 -18.18
C PHE H 139 49.73 41.84 -18.95
NA NA I . -6.09 -16.57 24.13
CL CL J . 27.64 15.23 -11.43
NA NA K . 28.03 12.51 -10.16
#